data_2ZZF
#
_entry.id   2ZZF
#
_cell.length_a   164.258
_cell.length_b   98.840
_cell.length_c   72.927
_cell.angle_alpha   90.000
_cell.angle_beta   108.640
_cell.angle_gamma   90.000
#
_symmetry.space_group_name_H-M   'C 1 2 1'
#
loop_
_entity.id
_entity.type
_entity.pdbx_description
1 polymer 'Alanyl-tRNA synthetase'
2 non-polymer 'ZINC ION'
3 water water
#
_entity_poly.entity_id   1
_entity_poly.type   'polypeptide(L)'
_entity_poly.pdbx_seq_one_letter_code
;MEFIMKTRMFEEEGWIRKKCKVCGKPFWTLDPDRETCGDPPCDEYQFIGKPGIPRKYTLDEMREKFLRFFEKHEIYPHGR
VKRYPVLPRWRDDVLLVGASIMDFQPWVISGEADPPANPLVISQPSIRFTDIDNVGITGRHFTIFEMMAHHAFNYPGKPI
YWMDETVELAFEFFTKELKMKPEDITFKENPWAGGGNAGPAFEVLYRGLEVATLVFMQYKKAPENAPQDQVVVIKGEKYI
PMETKVVDTGYGLERLVWMSQGTPTAYDAVLGYVVEPLKKMAGIEKIDEKILMENSRLAGMFDIEDLGDLRYLREQVAKR
VGITVEELEKAIRPYELIYAIADHTKALTFMLADGVVPSNVKAGYLARLLIRKSIRHLRELGLEVPLSEIVALHIKELHK
TFPEFKEMEDIILEMIELEEKKYAETLRRGSDLVRREIAKLKKKGIKEIPVEKLVTFYESHGLTPEIVKEIAEKEGVKVN
IPDNFYSMVAKEAERTKEEKGEELVDFELLKDLPDTRRLYYEDPFMKEFDAKVLRVIKDWVILDATAFYPEGGGQPYDTG
VLIVNGREVKVTNVQKVGKVIIHKVEDPGAFKEGMIVHGKIDWKRRIQHMRHHTGTHVLMGALVRVLGRHVWQAGSQLTT
DWARLDISHYKRISEEELKEIEMLANRIVMEDRKVTWEWLPRTTAEQKYGFRLYQGGVVPGREIRVVKIEDWDVQACGGT
HLPSTGLVGPIKILRTERIQDGVERIIFACGE
;
_entity_poly.pdbx_strand_id   A
#
loop_
_chem_comp.id
_chem_comp.type
_chem_comp.name
_chem_comp.formula
ZN non-polymer 'ZINC ION' 'Zn 2'
#
# COMPACT_ATOMS: atom_id res chain seq x y z
N GLU A 2 5.22 -15.91 30.03
CA GLU A 2 6.57 -15.86 29.42
C GLU A 2 7.07 -14.43 29.29
N PHE A 3 6.15 -13.46 29.14
CA PHE A 3 6.54 -12.05 28.89
C PHE A 3 6.59 -11.09 30.08
N ILE A 4 7.66 -10.31 30.11
CA ILE A 4 8.07 -9.50 31.27
C ILE A 4 7.19 -8.27 31.58
N MET A 5 7.50 -7.18 30.89
CA MET A 5 6.73 -5.92 30.80
C MET A 5 6.80 -4.94 31.99
N LYS A 6 7.62 -5.24 32.99
CA LYS A 6 8.01 -4.21 33.97
C LYS A 6 8.62 -3.04 33.20
N THR A 7 8.27 -1.82 33.62
CA THR A 7 8.90 -0.60 33.12
C THR A 7 9.24 0.30 34.29
N ARG A 8 10.26 1.12 34.11
CA ARG A 8 10.68 2.10 35.11
C ARG A 8 9.49 2.93 35.63
N MET A 9 8.68 3.45 34.72
CA MET A 9 7.49 4.20 35.13
C MET A 9 6.63 3.40 36.11
N PHE A 10 6.28 2.16 35.75
CA PHE A 10 5.40 1.34 36.60
C PHE A 10 5.97 1.18 38.00
N GLU A 11 7.28 0.95 38.08
CA GLU A 11 7.92 0.76 39.36
C GLU A 11 7.92 2.05 40.17
N GLU A 12 8.41 3.14 39.58
CA GLU A 12 8.52 4.44 40.28
C GLU A 12 7.18 5.09 40.61
N GLU A 13 6.16 4.87 39.79
CA GLU A 13 4.90 5.58 40.00
C GLU A 13 3.88 4.76 40.75
N GLY A 14 4.29 3.57 41.14
CA GLY A 14 3.43 2.65 41.86
C GLY A 14 2.24 2.11 41.10
N TRP A 15 2.41 1.78 39.82
CA TRP A 15 1.38 1.07 39.07
C TRP A 15 1.27 -0.37 39.54
N ILE A 16 0.06 -0.94 39.52
CA ILE A 16 -0.19 -2.31 39.94
C ILE A 16 -0.40 -3.24 38.75
N ARG A 17 0.30 -4.37 38.74
CA ARG A 17 0.06 -5.40 37.74
C ARG A 17 -1.05 -6.35 38.21
N LYS A 18 -2.05 -6.55 37.36
CA LYS A 18 -3.21 -7.36 37.74
C LYS A 18 -3.65 -8.32 36.64
N LYS A 19 -4.25 -9.43 37.07
CA LYS A 19 -4.95 -10.32 36.14
C LYS A 19 -6.40 -9.88 36.08
N CYS A 20 -6.88 -9.64 34.88
CA CYS A 20 -8.28 -9.26 34.69
C CYS A 20 -9.18 -10.39 35.16
N LYS A 21 -10.27 -10.05 35.87
CA LYS A 21 -11.26 -11.07 36.34
C LYS A 21 -12.10 -11.71 35.21
N VAL A 22 -12.25 -11.01 34.10
CA VAL A 22 -13.03 -11.47 32.97
C VAL A 22 -12.16 -12.22 31.94
N CYS A 23 -11.18 -11.54 31.32
CA CYS A 23 -10.32 -12.18 30.30
C CYS A 23 -9.06 -12.91 30.83
N GLY A 24 -8.77 -12.75 32.13
CA GLY A 24 -7.59 -13.38 32.72
C GLY A 24 -6.25 -12.72 32.40
N LYS A 25 -6.21 -11.87 31.37
CA LYS A 25 -4.97 -11.22 30.89
C LYS A 25 -4.39 -10.14 31.82
N PRO A 26 -3.06 -9.94 31.78
CA PRO A 26 -2.40 -9.01 32.69
C PRO A 26 -2.45 -7.55 32.19
N PHE A 27 -2.68 -6.63 33.11
CA PHE A 27 -2.74 -5.23 32.76
C PHE A 27 -2.19 -4.46 33.94
N TRP A 28 -1.73 -3.24 33.67
CA TRP A 28 -1.19 -2.35 34.68
C TRP A 28 -2.15 -1.21 34.87
N THR A 29 -2.28 -0.75 36.11
CA THR A 29 -3.23 0.29 36.50
C THR A 29 -2.77 1.11 37.71
N LEU A 30 -3.30 2.34 37.79
CA LEU A 30 -3.14 3.23 38.95
C LEU A 30 -4.32 3.17 39.91
N ASP A 31 -5.41 2.54 39.48
CA ASP A 31 -6.65 2.46 40.23
C ASP A 31 -6.71 1.25 41.16
N PRO A 32 -6.59 1.48 42.48
CA PRO A 32 -6.50 0.31 43.36
C PRO A 32 -7.77 -0.54 43.30
N ASP A 33 -8.85 0.06 42.79
CA ASP A 33 -10.20 -0.57 42.72
C ASP A 33 -10.55 -1.22 41.39
N ARG A 34 -9.73 -1.01 40.36
CA ARG A 34 -9.99 -1.60 39.05
C ARG A 34 -9.66 -3.10 39.07
N GLU A 35 -10.65 -3.90 38.69
CA GLU A 35 -10.49 -5.36 38.65
C GLU A 35 -10.42 -5.89 37.22
N THR A 36 -10.86 -5.09 36.24
CA THR A 36 -10.96 -5.51 34.83
C THR A 36 -9.97 -4.75 33.94
N CYS A 37 -9.68 -5.28 32.75
CA CYS A 37 -8.57 -4.77 31.92
C CYS A 37 -8.81 -3.44 31.17
N GLY A 38 -10.05 -2.97 31.11
CA GLY A 38 -10.39 -1.76 30.38
C GLY A 38 -10.77 -2.00 28.93
N ASP A 39 -10.85 -3.26 28.54
CA ASP A 39 -11.03 -3.63 27.14
C ASP A 39 -12.33 -4.43 27.01
N PRO A 40 -13.24 -3.99 26.13
CA PRO A 40 -14.50 -4.72 25.94
C PRO A 40 -14.20 -6.19 25.66
N PRO A 41 -15.04 -7.11 26.16
CA PRO A 41 -16.27 -6.90 26.91
C PRO A 41 -16.03 -6.83 28.40
N CYS A 42 -14.76 -6.76 28.81
CA CYS A 42 -14.42 -6.65 30.24
C CYS A 42 -14.89 -5.31 30.79
N ASP A 43 -14.81 -4.27 29.97
CA ASP A 43 -15.29 -2.93 30.30
C ASP A 43 -16.13 -2.44 29.14
N GLU A 44 -16.63 -1.20 29.25
CA GLU A 44 -17.51 -0.66 28.22
C GLU A 44 -17.17 0.77 27.82
N TYR A 45 -17.47 1.16 26.57
CA TYR A 45 -17.33 2.58 26.18
C TYR A 45 -18.07 3.45 27.18
N GLN A 46 -17.39 4.47 27.70
CA GLN A 46 -17.96 5.29 28.74
C GLN A 46 -17.99 6.73 28.29
N PHE A 47 -17.59 6.96 27.05
CA PHE A 47 -17.35 8.31 26.55
C PHE A 47 -18.40 8.83 25.56
N ILE A 48 -19.40 8.02 25.22
CA ILE A 48 -20.40 8.49 24.27
C ILE A 48 -21.37 9.44 24.99
N GLY A 49 -21.22 10.73 24.72
CA GLY A 49 -21.95 11.77 25.42
C GLY A 49 -21.14 12.37 26.56
N LYS A 50 -19.89 11.95 26.68
CA LYS A 50 -19.00 12.36 27.78
C LYS A 50 -17.55 12.31 27.30
N PRO A 51 -17.17 13.23 26.41
CA PRO A 51 -15.82 13.17 25.89
C PRO A 51 -14.81 13.04 27.01
N GLY A 52 -13.97 12.01 26.95
CA GLY A 52 -12.93 11.78 27.94
C GLY A 52 -11.70 12.64 27.76
N ILE A 53 -11.64 13.40 26.67
CA ILE A 53 -10.67 14.48 26.48
C ILE A 53 -11.44 15.80 26.63
N PRO A 54 -11.06 16.63 27.64
CA PRO A 54 -11.79 17.84 28.06
C PRO A 54 -12.15 18.86 26.98
N ARG A 55 -11.40 18.92 25.87
CA ARG A 55 -11.79 19.78 24.75
C ARG A 55 -11.92 19.09 23.39
N LYS A 56 -12.86 19.59 22.58
CA LYS A 56 -13.11 19.08 21.24
C LYS A 56 -11.96 19.37 20.30
N TYR A 57 -11.62 18.36 19.49
CA TYR A 57 -10.54 18.41 18.51
C TYR A 57 -11.05 18.03 17.14
N THR A 58 -10.40 18.59 16.12
CA THR A 58 -10.61 18.17 14.76
C THR A 58 -9.41 17.29 14.38
N LEU A 59 -9.57 16.48 13.33
CA LEU A 59 -8.47 15.70 12.78
C LEU A 59 -7.21 16.54 12.67
N ASP A 60 -7.30 17.65 11.93
CA ASP A 60 -6.17 18.58 11.72
C ASP A 60 -5.55 19.01 13.04
N GLU A 61 -6.38 19.37 14.01
CA GLU A 61 -5.89 19.76 15.33
C GLU A 61 -5.12 18.63 16.03
N MET A 62 -5.65 17.41 15.98
CA MET A 62 -5.03 16.28 16.68
C MET A 62 -3.73 15.81 16.03
N ARG A 63 -3.78 15.66 14.72
CA ARG A 63 -2.62 15.26 13.93
C ARG A 63 -1.45 16.16 14.31
N GLU A 64 -1.63 17.47 14.10
CA GLU A 64 -0.61 18.44 14.43
C GLU A 64 -0.24 18.36 15.90
N LYS A 65 -1.22 18.24 16.78
CA LYS A 65 -0.91 18.11 18.20
C LYS A 65 0.09 16.99 18.49
N PHE A 66 -0.19 15.79 17.94
CA PHE A 66 0.65 14.62 18.12
C PHE A 66 2.01 14.85 17.49
N LEU A 67 2.03 15.31 16.23
CA LEU A 67 3.31 15.48 15.55
C LEU A 67 4.17 16.54 16.25
N ARG A 68 3.53 17.58 16.77
CA ARG A 68 4.26 18.69 17.39
C ARG A 68 4.95 18.22 18.68
N PHE A 69 4.16 17.62 19.57
CA PHE A 69 4.64 17.08 20.83
C PHE A 69 5.91 16.26 20.66
N PHE A 70 5.93 15.36 19.70
CA PHE A 70 7.08 14.48 19.54
C PHE A 70 8.24 15.16 18.87
N GLU A 71 7.92 16.08 17.96
CA GLU A 71 8.93 16.84 17.19
C GLU A 71 9.72 17.77 18.08
N LYS A 72 9.02 18.44 19.01
CA LYS A 72 9.58 19.43 19.93
C LYS A 72 9.99 18.91 21.32
N HIS A 73 10.03 17.59 21.50
CA HIS A 73 10.31 17.03 22.83
C HIS A 73 11.68 17.41 23.33
N GLU A 74 11.75 17.77 24.61
CA GLU A 74 13.00 18.28 25.13
C GLU A 74 14.05 17.20 25.41
N ILE A 75 13.62 15.98 25.74
CA ILE A 75 14.57 14.90 25.99
C ILE A 75 14.73 13.98 24.78
N TYR A 76 13.63 13.68 24.07
CA TYR A 76 13.68 12.87 22.85
C TYR A 76 13.00 13.53 21.64
N PRO A 77 13.65 14.52 21.00
CA PRO A 77 12.97 15.09 19.83
C PRO A 77 12.91 14.10 18.65
N HIS A 78 11.82 14.08 17.90
CA HIS A 78 11.69 13.20 16.70
C HIS A 78 11.68 14.04 15.40
N GLY A 79 12.34 13.58 14.35
CA GLY A 79 12.10 14.12 13.01
C GLY A 79 10.70 13.81 12.44
N ARG A 80 10.06 14.83 11.89
CA ARG A 80 8.74 14.74 11.32
C ARG A 80 8.92 14.25 9.90
N VAL A 81 8.10 13.30 9.46
CA VAL A 81 8.34 12.65 8.19
C VAL A 81 7.06 12.64 7.38
N LYS A 82 7.15 13.12 6.13
CA LYS A 82 6.02 13.17 5.20
C LYS A 82 5.46 11.77 4.97
N ARG A 83 4.15 11.63 5.10
CA ARG A 83 3.51 10.32 4.93
C ARG A 83 3.87 9.73 3.56
N TYR A 84 3.80 8.42 3.48
CA TYR A 84 4.16 7.69 2.27
C TYR A 84 2.87 7.39 1.52
N PRO A 85 2.95 7.03 0.24
CA PRO A 85 1.71 6.67 -0.45
C PRO A 85 1.10 5.43 0.22
N VAL A 86 -0.21 5.24 0.04
CA VAL A 86 -0.87 4.08 0.59
C VAL A 86 -0.54 2.87 -0.31
N LEU A 87 0.05 3.16 -1.47
CA LEU A 87 0.43 2.15 -2.42
C LEU A 87 1.92 1.95 -2.25
N PRO A 88 2.34 0.80 -1.67
CA PRO A 88 3.76 0.59 -1.31
C PRO A 88 4.66 0.40 -2.50
N ARG A 89 5.31 1.46 -2.94
CA ARG A 89 6.22 1.38 -4.08
C ARG A 89 7.57 0.77 -3.74
N TRP A 90 7.93 0.78 -2.46
CA TRP A 90 9.23 0.32 -2.01
C TRP A 90 9.30 -1.18 -1.74
N ARG A 91 8.19 -1.91 -1.92
CA ARG A 91 8.17 -3.35 -1.65
C ARG A 91 7.07 -3.99 -2.49
N ASP A 92 7.12 -5.30 -2.71
CA ASP A 92 6.21 -5.95 -3.65
C ASP A 92 5.36 -7.06 -3.03
N ASP A 93 5.25 -7.06 -1.71
CA ASP A 93 4.70 -8.19 -0.97
C ASP A 93 3.39 -7.81 -0.27
N VAL A 94 3.07 -6.53 -0.27
CA VAL A 94 1.73 -6.11 0.16
C VAL A 94 1.10 -5.15 -0.84
N LEU A 95 -0.23 -5.15 -0.85
CA LEU A 95 -1.05 -4.42 -1.79
C LEU A 95 -1.23 -2.95 -1.38
N LEU A 96 -1.41 -2.72 -0.08
CA LEU A 96 -1.67 -1.39 0.48
C LEU A 96 -1.01 -1.21 1.84
N VAL A 97 -0.66 0.02 2.19
CA VAL A 97 -0.06 0.29 3.48
C VAL A 97 -1.16 0.07 4.53
N GLY A 98 -0.89 -0.77 5.52
CA GLY A 98 -1.93 -1.00 6.54
C GLY A 98 -1.61 -0.43 7.91
N ALA A 99 -0.45 0.22 8.05
CA ALA A 99 0.16 0.51 9.33
C ALA A 99 1.44 1.34 9.08
N SER A 100 1.73 2.31 9.91
CA SER A 100 2.95 3.11 9.73
C SER A 100 4.22 2.27 9.63
N ILE A 101 4.33 1.20 10.43
CA ILE A 101 5.57 0.39 10.36
C ILE A 101 5.87 -0.12 8.94
N MET A 102 4.83 -0.26 8.11
CA MET A 102 5.02 -0.86 6.79
C MET A 102 5.84 0.05 5.90
N ASP A 103 5.90 1.34 6.21
CA ASP A 103 6.79 2.28 5.48
C ASP A 103 8.27 1.88 5.59
N PHE A 104 8.60 1.05 6.57
CA PHE A 104 9.98 0.87 6.97
C PHE A 104 10.38 -0.59 6.91
N GLN A 105 9.47 -1.42 6.42
CA GLN A 105 9.78 -2.79 6.05
C GLN A 105 9.97 -2.87 4.53
N PRO A 106 10.84 -3.75 4.05
CA PRO A 106 11.80 -4.55 4.82
C PRO A 106 13.10 -3.78 5.09
N TRP A 107 13.40 -2.80 4.24
CA TRP A 107 14.77 -2.27 4.11
C TRP A 107 15.29 -1.50 5.31
N VAL A 108 14.44 -0.74 5.99
CA VAL A 108 14.96 0.05 7.10
C VAL A 108 15.22 -0.84 8.34
N ILE A 109 14.31 -1.78 8.56
CA ILE A 109 14.38 -2.69 9.69
C ILE A 109 15.54 -3.66 9.59
N SER A 110 15.85 -4.11 8.38
CA SER A 110 16.97 -5.02 8.17
C SER A 110 18.28 -4.26 8.29
N GLY A 111 18.18 -2.93 8.36
CA GLY A 111 19.35 -2.08 8.44
C GLY A 111 19.88 -1.65 7.09
N GLU A 112 19.31 -2.21 6.03
CA GLU A 112 19.79 -1.98 4.68
C GLU A 112 19.51 -0.55 4.15
N ALA A 113 18.60 0.16 4.80
CA ALA A 113 18.32 1.52 4.42
C ALA A 113 18.25 2.26 5.71
N ASP A 114 18.77 3.48 5.77
CA ASP A 114 18.66 4.28 6.99
C ASP A 114 17.21 4.71 7.21
N PRO A 115 16.79 4.90 8.48
CA PRO A 115 15.51 5.62 8.66
C PRO A 115 15.66 7.02 8.09
N PRO A 116 14.56 7.63 7.61
CA PRO A 116 14.54 9.05 7.27
C PRO A 116 15.04 9.87 8.44
N ALA A 117 14.61 9.50 9.63
CA ALA A 117 15.07 10.10 10.86
C ALA A 117 14.91 9.06 11.96
N ASN A 118 15.82 9.07 12.93
CA ASN A 118 15.80 8.13 14.04
C ASN A 118 16.01 8.86 15.37
N PRO A 119 14.95 8.98 16.20
CA PRO A 119 13.60 8.45 16.04
C PRO A 119 12.72 9.39 15.22
N LEU A 120 11.60 8.88 14.71
CA LEU A 120 10.79 9.63 13.76
C LEU A 120 9.35 9.68 14.22
N VAL A 121 8.64 10.71 13.77
CA VAL A 121 7.20 10.80 14.02
C VAL A 121 6.44 11.01 12.70
N ILE A 122 5.29 10.33 12.60
CA ILE A 122 4.59 10.25 11.32
C ILE A 122 3.08 10.08 11.52
N SER A 123 2.30 10.49 10.51
CA SER A 123 0.88 10.27 10.49
C SER A 123 0.60 9.66 9.14
N GLN A 124 0.27 8.38 9.17
CA GLN A 124 0.23 7.56 7.97
C GLN A 124 -1.18 7.11 7.69
N PRO A 125 -1.75 7.60 6.57
CA PRO A 125 -3.00 7.02 6.05
C PRO A 125 -2.75 5.56 5.83
N SER A 126 -3.63 4.70 6.34
CA SER A 126 -3.50 3.24 6.26
C SER A 126 -4.81 2.64 5.81
N ILE A 127 -4.76 1.59 5.00
CA ILE A 127 -6.01 1.02 4.53
C ILE A 127 -6.10 -0.41 5.00
N ARG A 128 -7.27 -0.82 5.47
CA ARG A 128 -7.49 -2.18 5.90
C ARG A 128 -8.77 -2.71 5.32
N PHE A 129 -8.67 -3.73 4.50
CA PHE A 129 -9.87 -4.32 3.94
C PHE A 129 -10.51 -5.41 4.74
N THR A 130 -9.87 -5.90 5.79
CA THR A 130 -10.43 -7.04 6.54
C THR A 130 -11.60 -6.60 7.43
N ASP A 131 -11.54 -5.36 7.89
CA ASP A 131 -12.65 -4.79 8.64
C ASP A 131 -13.84 -4.34 7.77
N ILE A 132 -13.77 -4.52 6.45
CA ILE A 132 -14.70 -3.80 5.57
C ILE A 132 -16.19 -4.01 5.88
N ASP A 133 -16.59 -5.26 6.14
CA ASP A 133 -17.99 -5.59 6.44
C ASP A 133 -18.53 -4.95 7.73
N ASN A 134 -17.64 -4.45 8.58
CA ASN A 134 -18.00 -3.71 9.78
C ASN A 134 -18.18 -2.21 9.60
N VAL A 135 -17.80 -1.69 8.42
CA VAL A 135 -17.80 -0.24 8.25
C VAL A 135 -19.23 0.28 8.21
N GLY A 136 -19.54 1.20 9.10
CA GLY A 136 -20.85 1.81 9.12
C GLY A 136 -21.84 1.04 9.96
N ILE A 137 -21.38 -0.11 10.46
CA ILE A 137 -22.22 -1.05 11.19
C ILE A 137 -21.89 -1.05 12.67
N THR A 138 -20.63 -0.85 13.02
CA THR A 138 -20.24 -0.88 14.41
C THR A 138 -20.16 0.48 15.02
N GLY A 139 -19.94 1.51 14.19
CA GLY A 139 -19.70 2.88 14.70
C GLY A 139 -18.25 3.25 14.89
N ARG A 140 -17.31 2.33 14.67
CA ARG A 140 -15.88 2.69 14.85
C ARG A 140 -14.89 2.14 13.82
N HIS A 141 -15.36 1.32 12.88
CA HIS A 141 -14.47 0.75 11.86
C HIS A 141 -14.38 1.56 10.58
N PHE A 142 -13.15 1.75 10.11
CA PHE A 142 -12.87 2.50 8.88
C PHE A 142 -12.04 1.67 7.90
N THR A 143 -12.17 1.96 6.61
CA THR A 143 -11.28 1.39 5.63
C THR A 143 -9.99 2.16 5.63
N ILE A 144 -10.10 3.45 5.87
CA ILE A 144 -9.03 4.40 5.70
C ILE A 144 -8.96 5.18 7.01
N PHE A 145 -7.80 5.22 7.60
CA PHE A 145 -7.64 5.92 8.85
C PHE A 145 -6.19 6.28 8.92
N GLU A 146 -5.88 7.26 9.75
CA GLU A 146 -4.51 7.72 9.97
C GLU A 146 -3.90 7.07 11.21
N MET A 147 -2.74 6.43 11.04
CA MET A 147 -2.01 5.85 12.15
C MET A 147 -0.88 6.78 12.49
N MET A 148 -0.93 7.33 13.68
CA MET A 148 0.14 8.19 14.14
C MET A 148 1.12 7.33 14.91
N ALA A 149 2.39 7.62 14.70
CA ALA A 149 3.39 6.82 15.32
C ALA A 149 4.69 7.55 15.55
N HIS A 150 5.27 7.34 16.71
CA HIS A 150 6.69 7.61 16.90
C HIS A 150 7.38 6.25 16.82
N HIS A 151 8.51 6.19 16.12
CA HIS A 151 9.24 4.96 15.89
C HIS A 151 10.67 5.21 16.26
N ALA A 152 11.36 4.17 16.70
CA ALA A 152 12.77 4.22 17.04
C ALA A 152 13.41 2.94 16.53
N PHE A 153 14.57 3.04 15.93
CA PHE A 153 15.19 1.85 15.41
C PHE A 153 16.52 1.70 16.12
N ASN A 154 16.58 0.76 17.05
CA ASN A 154 17.77 0.55 17.85
C ASN A 154 18.70 -0.42 17.16
N TYR A 155 19.67 0.08 16.42
CA TYR A 155 20.59 -0.84 15.76
C TYR A 155 21.59 -1.30 16.81
N PRO A 156 22.16 -2.51 16.66
CA PRO A 156 23.15 -2.95 17.66
C PRO A 156 24.25 -1.90 17.85
N GLY A 157 24.58 -1.63 19.11
CA GLY A 157 25.60 -0.64 19.44
C GLY A 157 25.11 0.80 19.49
N LYS A 158 23.87 1.04 19.10
CA LYS A 158 23.38 2.41 18.92
C LYS A 158 21.99 2.62 19.48
N PRO A 159 21.88 2.60 20.82
CA PRO A 159 20.56 2.73 21.46
C PRO A 159 19.90 4.08 21.17
N ILE A 160 18.59 4.07 20.94
CA ILE A 160 17.81 5.29 20.77
C ILE A 160 16.89 5.42 22.00
N TYR A 161 15.88 4.56 22.07
CA TYR A 161 15.07 4.39 23.28
C TYR A 161 14.21 3.14 23.07
N TRP A 162 13.65 2.65 24.18
CA TRP A 162 12.99 1.36 24.23
C TRP A 162 11.70 1.42 25.07
N MET A 163 11.40 0.36 25.80
CA MET A 163 10.11 0.26 26.52
C MET A 163 9.88 1.34 27.57
N ASP A 164 10.88 1.58 28.41
CA ASP A 164 10.74 2.54 29.52
C ASP A 164 10.30 3.90 28.98
N GLU A 165 10.97 4.34 27.92
CA GLU A 165 10.76 5.66 27.39
C GLU A 165 9.47 5.71 26.62
N THR A 166 9.21 4.66 25.82
CA THR A 166 7.99 4.55 25.03
C THR A 166 6.74 4.71 25.90
N VAL A 167 6.65 4.01 27.03
CA VAL A 167 5.44 4.18 27.82
C VAL A 167 5.43 5.53 28.56
N GLU A 168 6.59 6.09 28.85
CA GLU A 168 6.67 7.45 29.43
C GLU A 168 6.16 8.50 28.42
N LEU A 169 6.51 8.28 27.16
CA LEU A 169 6.14 9.19 26.09
C LEU A 169 4.65 9.18 25.85
N ALA A 170 4.10 8.00 25.66
CA ALA A 170 2.66 7.80 25.58
C ALA A 170 1.93 8.44 26.75
N PHE A 171 2.38 8.15 27.96
CA PHE A 171 1.70 8.62 29.16
C PHE A 171 1.78 10.14 29.24
N GLU A 172 2.91 10.68 28.81
CA GLU A 172 3.12 12.11 28.75
C GLU A 172 2.14 12.76 27.78
N PHE A 173 2.08 12.24 26.56
CA PHE A 173 1.19 12.75 25.53
C PHE A 173 -0.26 12.68 25.97
N PHE A 174 -0.64 11.58 26.60
CA PHE A 174 -2.02 11.40 27.02
C PHE A 174 -2.39 12.31 28.17
N THR A 175 -1.50 12.44 29.15
CA THR A 175 -1.83 13.15 30.39
C THR A 175 -1.50 14.63 30.36
N LYS A 176 -0.37 15.00 29.77
CA LYS A 176 0.07 16.41 29.74
C LYS A 176 -0.48 17.22 28.58
N GLU A 177 -0.60 16.60 27.41
CA GLU A 177 -1.09 17.26 26.19
C GLU A 177 -2.59 17.17 25.99
N LEU A 178 -3.15 16.00 26.25
CA LEU A 178 -4.59 15.82 26.03
C LEU A 178 -5.43 15.93 27.29
N LYS A 179 -4.78 15.98 28.46
CA LYS A 179 -5.43 16.09 29.79
C LYS A 179 -6.41 14.94 30.08
N MET A 180 -6.03 13.73 29.74
CA MET A 180 -6.84 12.56 30.09
C MET A 180 -6.62 12.13 31.55
N LYS A 181 -7.63 11.55 32.16
CA LYS A 181 -7.49 11.15 33.55
C LYS A 181 -6.51 9.98 33.69
N PRO A 182 -5.42 10.19 34.45
CA PRO A 182 -4.39 9.17 34.67
C PRO A 182 -4.90 7.87 35.28
N GLU A 183 -5.75 7.95 36.29
CA GLU A 183 -6.19 6.74 36.97
C GLU A 183 -7.14 5.91 36.12
N ASP A 184 -7.43 6.38 34.91
CA ASP A 184 -8.37 5.73 33.98
C ASP A 184 -7.68 5.05 32.80
N ILE A 185 -6.37 5.26 32.69
CA ILE A 185 -5.56 4.63 31.65
C ILE A 185 -5.05 3.26 32.11
N THR A 186 -5.15 2.26 31.26
CA THR A 186 -4.49 0.98 31.54
C THR A 186 -3.59 0.58 30.39
N PHE A 187 -2.54 -0.14 30.74
CA PHE A 187 -1.63 -0.74 29.79
C PHE A 187 -1.79 -2.25 29.86
N LYS A 188 -2.49 -2.82 28.89
CA LYS A 188 -2.72 -4.25 28.87
C LYS A 188 -1.61 -4.98 28.10
N GLU A 189 -1.03 -5.99 28.73
CA GLU A 189 -0.03 -6.84 28.09
C GLU A 189 -0.72 -7.70 27.04
N ASN A 190 -0.21 -7.64 25.82
CA ASN A 190 -0.75 -8.44 24.76
C ASN A 190 0.33 -8.70 23.73
N PRO A 191 1.11 -9.77 23.91
CA PRO A 191 2.09 -10.24 22.94
C PRO A 191 1.59 -10.07 21.51
N TRP A 192 2.51 -9.78 20.61
CA TRP A 192 2.18 -9.48 19.23
C TRP A 192 2.92 -10.44 18.33
N ALA A 193 2.22 -10.99 17.34
CA ALA A 193 2.82 -11.79 16.25
C ALA A 193 2.36 -11.10 14.97
N GLY A 194 3.25 -11.01 13.98
CA GLY A 194 3.03 -10.07 12.88
C GLY A 194 3.50 -10.49 11.50
N GLY A 195 3.90 -11.76 11.37
CA GLY A 195 4.35 -12.28 10.09
C GLY A 195 5.73 -11.75 9.77
N GLY A 196 6.72 -12.58 10.08
CA GLY A 196 8.14 -12.22 9.95
C GLY A 196 8.74 -12.07 11.34
N ASN A 197 7.97 -11.43 12.22
CA ASN A 197 8.45 -11.03 13.55
C ASN A 197 7.39 -10.83 14.64
N ALA A 198 7.86 -10.83 15.88
CA ALA A 198 6.99 -10.85 17.06
C ALA A 198 7.68 -10.17 18.24
N GLY A 199 6.88 -9.48 19.05
CA GLY A 199 7.34 -9.07 20.37
C GLY A 199 6.24 -8.63 21.30
N PRO A 200 6.60 -8.48 22.60
CA PRO A 200 5.75 -7.99 23.66
C PRO A 200 5.16 -6.62 23.33
N ALA A 201 3.94 -6.36 23.78
CA ALA A 201 3.20 -5.21 23.33
C ALA A 201 2.27 -4.72 24.40
N PHE A 202 1.91 -3.44 24.38
CA PHE A 202 0.85 -2.96 25.25
C PHE A 202 -0.27 -2.44 24.41
N GLU A 203 -1.48 -2.54 24.95
CA GLU A 203 -2.62 -1.81 24.43
C GLU A 203 -2.97 -0.76 25.45
N VAL A 204 -3.07 0.49 25.00
CA VAL A 204 -3.40 1.55 25.92
C VAL A 204 -4.91 1.80 25.81
N LEU A 205 -5.57 1.75 26.96
CA LEU A 205 -7.02 1.72 27.06
C LEU A 205 -7.51 2.84 27.97
N TYR A 206 -8.57 3.52 27.53
CA TYR A 206 -9.11 4.66 28.22
C TYR A 206 -10.59 4.69 28.02
N ARG A 207 -11.37 4.60 29.11
CA ARG A 207 -12.84 4.62 29.03
C ARG A 207 -13.33 3.62 27.98
N GLY A 208 -12.66 2.48 27.91
CA GLY A 208 -13.10 1.37 27.07
C GLY A 208 -12.60 1.41 25.65
N LEU A 209 -11.85 2.44 25.31
CA LEU A 209 -11.36 2.54 23.94
C LEU A 209 -9.86 2.27 23.89
N GLU A 210 -9.43 1.47 22.92
CA GLU A 210 -8.00 1.29 22.69
C GLU A 210 -7.51 2.50 21.91
N VAL A 211 -6.77 3.34 22.60
CA VAL A 211 -6.36 4.56 21.98
C VAL A 211 -4.97 4.45 21.38
N ALA A 212 -4.28 3.36 21.67
CA ALA A 212 -2.91 3.22 21.18
C ALA A 212 -2.37 1.81 21.34
N THR A 213 -1.46 1.48 20.46
CA THR A 213 -0.81 0.22 20.43
C THR A 213 0.71 0.47 20.50
N LEU A 214 1.35 -0.14 21.49
CA LEU A 214 2.82 -0.01 21.68
C LEU A 214 3.50 -1.38 21.54
N VAL A 215 4.27 -1.53 20.48
CA VAL A 215 4.82 -2.81 20.11
C VAL A 215 6.35 -2.78 20.07
N PHE A 216 6.95 -3.78 20.68
CA PHE A 216 8.38 -3.86 20.78
C PHE A 216 8.87 -5.09 20.02
N MET A 217 9.24 -4.88 18.74
CA MET A 217 9.70 -5.93 17.84
C MET A 217 11.10 -6.34 18.22
N GLN A 218 11.30 -7.64 18.48
CA GLN A 218 12.60 -8.13 18.90
C GLN A 218 12.79 -9.60 18.61
N TYR A 219 11.85 -10.20 17.89
CA TYR A 219 11.95 -11.60 17.46
C TYR A 219 11.50 -11.68 16.01
N LYS A 220 12.17 -12.54 15.24
CA LYS A 220 11.86 -12.80 13.84
C LYS A 220 11.76 -14.32 13.62
N LYS A 221 11.10 -14.73 12.53
CA LYS A 221 10.81 -16.16 12.24
C LYS A 221 12.04 -17.01 11.94
N LYS A 238 12.81 -20.09 21.46
CA LYS A 238 11.56 -20.22 20.71
C LYS A 238 11.74 -19.71 19.26
N TYR A 239 10.87 -18.75 18.87
CA TYR A 239 10.82 -18.02 17.56
C TYR A 239 12.21 -17.68 16.95
N ILE A 240 12.90 -16.67 17.49
CA ILE A 240 14.31 -16.26 17.15
C ILE A 240 14.60 -14.74 17.25
N PRO A 241 15.55 -14.34 18.14
CA PRO A 241 15.77 -12.93 18.50
C PRO A 241 16.38 -12.05 17.40
N MET A 242 15.65 -10.99 17.04
CA MET A 242 16.10 -9.95 16.10
C MET A 242 17.33 -9.22 16.63
N GLU A 243 18.16 -8.71 15.71
CA GLU A 243 19.33 -7.89 16.08
C GLU A 243 18.91 -6.45 16.38
N THR A 244 18.02 -5.92 15.55
CA THR A 244 17.53 -4.59 15.74
C THR A 244 16.28 -4.64 16.58
N LYS A 245 16.21 -3.78 17.59
CA LYS A 245 15.01 -3.66 18.38
C LYS A 245 14.24 -2.44 17.89
N VAL A 246 12.99 -2.64 17.49
CA VAL A 246 12.22 -1.58 16.89
C VAL A 246 11.01 -1.20 17.73
N VAL A 247 10.90 0.08 18.06
CA VAL A 247 9.73 0.58 18.72
C VAL A 247 8.70 0.89 17.64
N ASP A 248 7.55 0.24 17.75
CA ASP A 248 6.50 0.33 16.76
C ASP A 248 5.22 0.72 17.48
N THR A 249 4.89 1.99 17.46
CA THR A 249 3.67 2.47 18.06
C THR A 249 2.61 2.68 16.97
N GLY A 250 1.39 3.01 17.39
CA GLY A 250 0.27 3.28 16.50
C GLY A 250 -0.81 3.95 17.32
N TYR A 251 -1.11 5.20 17.02
CA TYR A 251 -2.22 5.85 17.70
C TYR A 251 -3.22 6.24 16.65
N GLY A 252 -4.48 5.86 16.86
CA GLY A 252 -5.53 6.12 15.90
C GLY A 252 -6.04 7.54 16.00
N LEU A 253 -5.80 8.33 14.94
CA LEU A 253 -6.24 9.72 14.89
C LEU A 253 -7.73 9.83 15.11
N GLU A 254 -8.48 9.07 14.34
CA GLU A 254 -9.94 9.00 14.39
C GLU A 254 -10.47 8.61 15.75
N ARG A 255 -9.89 7.59 16.36
CA ARG A 255 -10.30 7.21 17.70
C ARG A 255 -10.03 8.36 18.67
N LEU A 256 -8.90 9.03 18.51
CA LEU A 256 -8.60 10.09 19.43
C LEU A 256 -9.58 11.25 19.26
N VAL A 257 -9.90 11.58 18.01
CA VAL A 257 -10.88 12.63 17.76
C VAL A 257 -12.24 12.29 18.36
N TRP A 258 -12.72 11.08 18.08
CA TRP A 258 -13.95 10.55 18.67
C TRP A 258 -13.99 10.61 20.20
N MET A 259 -12.87 10.27 20.85
CA MET A 259 -12.77 10.37 22.29
C MET A 259 -12.92 11.82 22.74
N SER A 260 -12.63 12.79 21.87
CA SER A 260 -12.82 14.19 22.28
C SER A 260 -14.18 14.75 21.90
N GLN A 261 -14.91 14.10 21.00
CA GLN A 261 -16.23 14.59 20.60
C GLN A 261 -17.37 13.96 21.39
N GLY A 262 -17.29 12.65 21.63
CA GLY A 262 -18.35 11.96 22.36
C GLY A 262 -19.60 11.68 21.52
N THR A 263 -19.43 11.76 20.20
CA THR A 263 -20.52 11.58 19.24
C THR A 263 -20.99 10.14 19.21
N PRO A 264 -22.23 9.90 18.77
CA PRO A 264 -22.76 8.53 18.80
C PRO A 264 -21.92 7.53 18.00
N THR A 265 -21.25 8.01 16.96
CA THR A 265 -20.33 7.18 16.21
C THR A 265 -19.06 7.97 15.91
N ALA A 266 -17.96 7.26 15.66
CA ALA A 266 -16.72 7.87 15.17
C ALA A 266 -16.90 8.57 13.83
N TYR A 267 -17.92 8.16 13.07
CA TYR A 267 -18.17 8.72 11.73
C TYR A 267 -18.67 10.16 11.80
N ASP A 268 -19.52 10.44 12.79
CA ASP A 268 -20.06 11.76 12.96
C ASP A 268 -18.97 12.74 13.43
N ALA A 269 -17.89 12.21 13.95
CA ALA A 269 -16.81 13.06 14.47
C ALA A 269 -15.77 13.32 13.39
N VAL A 270 -15.58 12.39 12.48
CA VAL A 270 -14.57 12.60 11.44
C VAL A 270 -15.13 12.90 10.02
N LEU A 271 -16.33 12.41 9.73
CA LEU A 271 -16.85 12.48 8.37
C LEU A 271 -18.08 13.38 8.25
N GLY A 272 -18.30 14.22 9.25
CA GLY A 272 -19.43 15.13 9.24
C GLY A 272 -19.63 15.85 7.91
N TYR A 273 -18.55 16.41 7.38
CA TYR A 273 -18.61 17.17 6.13
C TYR A 273 -19.19 16.38 4.95
N VAL A 274 -19.42 15.07 5.14
CA VAL A 274 -20.02 14.19 4.11
C VAL A 274 -21.27 13.46 4.62
N VAL A 275 -21.23 13.02 5.87
CA VAL A 275 -22.39 12.37 6.45
C VAL A 275 -23.60 13.28 6.33
N GLU A 276 -23.50 14.51 6.85
CA GLU A 276 -24.62 15.46 6.80
C GLU A 276 -25.14 15.77 5.37
N PRO A 277 -24.25 16.20 4.46
CA PRO A 277 -24.74 16.39 3.09
C PRO A 277 -25.55 15.22 2.56
N LEU A 278 -25.07 13.98 2.77
CA LEU A 278 -25.81 12.77 2.33
C LEU A 278 -27.14 12.53 3.04
N LYS A 279 -27.23 12.86 4.33
CA LYS A 279 -28.51 12.81 5.02
C LYS A 279 -29.52 13.75 4.38
N LYS A 280 -29.14 15.02 4.20
CA LYS A 280 -30.02 16.01 3.54
C LYS A 280 -30.52 15.53 2.16
N MET A 281 -29.59 15.09 1.29
CA MET A 281 -29.94 14.67 -0.07
C MET A 281 -30.86 13.47 -0.06
N ALA A 282 -30.46 12.41 0.64
CA ALA A 282 -31.27 11.21 0.74
C ALA A 282 -32.57 11.52 1.44
N GLY A 283 -32.63 12.67 2.11
CA GLY A 283 -33.79 13.10 2.87
C GLY A 283 -34.29 12.00 3.77
N ILE A 284 -33.53 11.69 4.81
CA ILE A 284 -33.84 10.52 5.62
C ILE A 284 -34.32 10.89 7.03
N GLU A 285 -35.29 10.10 7.51
CA GLU A 285 -35.95 10.34 8.79
C GLU A 285 -34.92 10.21 9.91
N LYS A 286 -34.49 11.34 10.48
CA LYS A 286 -33.38 11.31 11.44
C LYS A 286 -33.70 10.56 12.75
N ILE A 287 -32.86 9.57 13.03
CA ILE A 287 -33.09 8.53 14.02
C ILE A 287 -33.18 9.05 15.45
N ASP A 288 -33.75 8.23 16.34
CA ASP A 288 -33.58 8.43 17.77
C ASP A 288 -32.09 8.25 18.09
N GLU A 289 -31.47 9.34 18.52
CA GLU A 289 -30.05 9.39 18.90
C GLU A 289 -29.60 8.24 19.81
N LYS A 290 -30.46 7.90 20.78
CA LYS A 290 -30.28 6.76 21.70
C LYS A 290 -29.82 5.50 20.99
N ILE A 291 -30.64 5.03 20.04
CA ILE A 291 -30.38 3.83 19.26
C ILE A 291 -28.97 3.78 18.70
N LEU A 292 -28.50 4.92 18.20
CA LEU A 292 -27.19 5.02 17.58
C LEU A 292 -26.08 4.91 18.63
N MET A 293 -26.35 5.50 19.81
CA MET A 293 -25.42 5.43 20.93
C MET A 293 -25.30 4.01 21.46
N GLU A 294 -26.45 3.32 21.61
CA GLU A 294 -26.50 1.98 22.17
C GLU A 294 -25.91 0.93 21.24
N ASN A 295 -26.08 1.14 19.94
CA ASN A 295 -25.48 0.30 18.92
C ASN A 295 -23.95 0.27 19.06
N SER A 296 -23.33 1.46 18.97
CA SER A 296 -21.87 1.60 19.16
C SER A 296 -21.37 1.01 20.49
N ARG A 297 -22.11 1.28 21.57
CA ARG A 297 -21.81 0.73 22.88
C ARG A 297 -21.73 -0.79 22.84
N LEU A 298 -22.78 -1.42 22.35
CA LEU A 298 -22.77 -2.88 22.31
C LEU A 298 -21.86 -3.45 21.24
N ALA A 299 -21.74 -2.73 20.12
CA ALA A 299 -20.82 -3.12 19.06
C ALA A 299 -19.38 -3.18 19.53
N GLY A 300 -19.07 -2.40 20.57
CA GLY A 300 -17.78 -2.50 21.22
C GLY A 300 -17.70 -3.83 21.93
N MET A 301 -18.58 -4.00 22.93
CA MET A 301 -18.67 -5.21 23.79
C MET A 301 -18.66 -6.54 23.02
N PHE A 302 -18.88 -6.43 21.72
CA PHE A 302 -19.32 -7.53 20.90
C PHE A 302 -18.71 -7.33 19.52
N ASP A 303 -17.64 -8.05 19.24
CA ASP A 303 -17.02 -7.97 17.92
C ASP A 303 -17.84 -8.68 16.87
N ILE A 304 -17.75 -8.24 15.63
CA ILE A 304 -18.18 -9.09 14.55
C ILE A 304 -16.97 -9.95 14.23
N GLU A 305 -16.87 -11.08 14.95
CA GLU A 305 -15.91 -12.17 14.66
C GLU A 305 -16.58 -13.01 13.56
N ASP A 306 -17.47 -12.32 12.84
CA ASP A 306 -18.20 -12.78 11.67
C ASP A 306 -19.21 -13.84 12.02
N LEU A 307 -18.86 -15.11 11.77
CA LEU A 307 -19.79 -16.20 11.99
C LEU A 307 -21.16 -15.72 11.47
N GLY A 308 -22.16 -15.65 12.36
CA GLY A 308 -23.43 -15.04 12.02
C GLY A 308 -23.89 -14.08 13.09
N ASP A 309 -22.99 -13.21 13.54
CA ASP A 309 -23.31 -12.39 14.71
C ASP A 309 -23.70 -10.92 14.55
N LEU A 310 -23.82 -10.43 13.33
CA LEU A 310 -24.59 -9.20 13.11
C LEU A 310 -25.99 -9.39 13.67
N ARG A 311 -26.52 -10.60 13.53
CA ARG A 311 -27.89 -10.83 13.93
C ARG A 311 -28.04 -10.85 15.45
N TYR A 312 -26.99 -11.25 16.15
CA TYR A 312 -27.01 -11.23 17.61
C TYR A 312 -26.77 -9.83 18.17
N LEU A 313 -25.97 -9.04 17.46
CA LEU A 313 -25.76 -7.65 17.81
C LEU A 313 -27.07 -6.91 17.66
N ARG A 314 -27.73 -7.10 16.52
CA ARG A 314 -29.00 -6.46 16.24
C ARG A 314 -30.08 -6.81 17.27
N GLU A 315 -30.24 -8.10 17.55
CA GLU A 315 -31.14 -8.55 18.61
C GLU A 315 -30.84 -7.87 19.93
N GLN A 316 -29.55 -7.75 20.26
CA GLN A 316 -29.14 -7.14 21.52
C GLN A 316 -29.52 -5.66 21.63
N VAL A 317 -29.18 -4.85 20.62
CA VAL A 317 -29.61 -3.45 20.65
C VAL A 317 -31.14 -3.28 20.55
N ALA A 318 -31.80 -4.15 19.81
CA ALA A 318 -33.27 -4.20 19.83
C ALA A 318 -33.86 -4.32 21.26
N LYS A 319 -33.40 -5.29 22.04
CA LYS A 319 -33.90 -5.46 23.42
C LYS A 319 -33.59 -4.27 24.33
N ARG A 320 -32.42 -3.65 24.14
CA ARG A 320 -31.99 -2.57 25.02
C ARG A 320 -32.75 -1.27 24.73
N VAL A 321 -32.96 -0.96 23.46
CA VAL A 321 -33.71 0.24 23.10
C VAL A 321 -35.22 0.01 23.24
N GLY A 322 -35.61 -1.26 23.21
CA GLY A 322 -36.98 -1.66 23.43
C GLY A 322 -37.81 -1.64 22.16
N ILE A 323 -37.26 -2.14 21.07
CA ILE A 323 -37.99 -2.29 19.81
C ILE A 323 -37.69 -3.64 19.14
N THR A 324 -38.34 -3.91 18.02
CA THR A 324 -38.07 -5.12 17.24
C THR A 324 -36.93 -4.89 16.26
N VAL A 325 -36.29 -5.98 15.85
CA VAL A 325 -35.18 -5.93 14.88
C VAL A 325 -35.59 -5.36 13.52
N GLU A 326 -36.88 -5.46 13.19
CA GLU A 326 -37.40 -4.96 11.91
C GLU A 326 -37.44 -3.44 11.93
N GLU A 327 -37.98 -2.87 13.00
CA GLU A 327 -38.02 -1.42 13.13
C GLU A 327 -36.63 -0.87 13.40
N LEU A 328 -35.79 -1.66 14.08
CA LEU A 328 -34.38 -1.31 14.20
C LEU A 328 -33.72 -1.21 12.82
N GLU A 329 -33.82 -2.29 12.04
CA GLU A 329 -33.26 -2.35 10.71
C GLU A 329 -33.79 -1.19 9.85
N LYS A 330 -35.07 -0.87 10.00
CA LYS A 330 -35.68 0.25 9.29
C LYS A 330 -34.99 1.56 9.65
N ALA A 331 -34.70 1.73 10.92
CA ALA A 331 -34.19 3.01 11.40
C ALA A 331 -32.71 3.17 11.17
N ILE A 332 -31.89 2.12 11.40
CA ILE A 332 -30.43 2.25 11.23
C ILE A 332 -29.90 2.13 9.81
N ARG A 333 -30.48 1.24 9.00
CA ARG A 333 -29.91 0.94 7.70
C ARG A 333 -29.51 2.21 6.94
N PRO A 334 -30.43 3.19 6.77
CA PRO A 334 -29.96 4.37 6.04
C PRO A 334 -28.67 5.00 6.59
N TYR A 335 -28.47 4.99 7.90
CA TYR A 335 -27.23 5.47 8.47
C TYR A 335 -26.04 4.58 8.08
N GLU A 336 -26.23 3.26 8.17
CA GLU A 336 -25.19 2.32 7.79
C GLU A 336 -24.71 2.58 6.39
N LEU A 337 -25.64 2.67 5.45
CA LEU A 337 -25.30 2.99 4.08
C LEU A 337 -24.51 4.29 3.93
N ILE A 338 -25.01 5.39 4.50
CA ILE A 338 -24.32 6.67 4.37
C ILE A 338 -22.92 6.64 5.00
N TYR A 339 -22.77 5.96 6.15
CA TYR A 339 -21.45 5.88 6.80
C TYR A 339 -20.43 5.16 5.94
N ALA A 340 -20.85 4.02 5.38
CA ALA A 340 -20.04 3.27 4.43
C ALA A 340 -19.66 4.06 3.15
N ILE A 341 -20.60 4.77 2.53
CA ILE A 341 -20.34 5.61 1.36
C ILE A 341 -19.29 6.68 1.70
N ALA A 342 -19.48 7.32 2.85
CA ALA A 342 -18.55 8.33 3.35
C ALA A 342 -17.12 7.78 3.51
N ASP A 343 -17.00 6.69 4.28
CA ASP A 343 -15.73 6.02 4.48
C ASP A 343 -15.15 5.55 3.16
N HIS A 344 -15.92 4.76 2.41
CA HIS A 344 -15.35 4.21 1.15
C HIS A 344 -14.89 5.28 0.18
N THR A 345 -15.60 6.41 0.10
CA THR A 345 -15.15 7.45 -0.83
C THR A 345 -13.88 8.15 -0.37
N LYS A 346 -13.68 8.28 0.95
CA LYS A 346 -12.44 8.86 1.45
C LYS A 346 -11.30 7.96 1.04
N ALA A 347 -11.48 6.66 1.28
CA ALA A 347 -10.45 5.69 0.99
C ALA A 347 -10.10 5.72 -0.50
N LEU A 348 -11.10 5.88 -1.35
CA LEU A 348 -10.85 5.94 -2.77
C LEU A 348 -10.10 7.21 -3.16
N THR A 349 -10.26 8.28 -2.40
CA THR A 349 -9.50 9.49 -2.71
C THR A 349 -7.99 9.27 -2.52
N PHE A 350 -7.61 8.75 -1.35
CA PHE A 350 -6.20 8.44 -1.12
C PHE A 350 -5.72 7.44 -2.16
N MET A 351 -6.44 6.34 -2.34
CA MET A 351 -5.98 5.31 -3.28
C MET A 351 -5.75 5.83 -4.69
N LEU A 352 -6.71 6.60 -5.20
CA LEU A 352 -6.57 7.13 -6.57
C LEU A 352 -5.48 8.19 -6.64
N ALA A 353 -5.50 9.14 -5.70
CA ALA A 353 -4.44 10.16 -5.63
C ALA A 353 -3.05 9.54 -5.65
N ASP A 354 -2.87 8.48 -4.85
CA ASP A 354 -1.56 7.92 -4.70
C ASP A 354 -1.20 6.97 -5.85
N GLY A 355 -2.13 6.73 -6.77
CA GLY A 355 -1.79 6.09 -8.05
C GLY A 355 -2.48 4.77 -8.39
N VAL A 356 -3.55 4.41 -7.66
CA VAL A 356 -4.31 3.22 -7.96
C VAL A 356 -5.22 3.39 -9.19
N VAL A 357 -5.02 2.57 -10.20
CA VAL A 357 -5.91 2.52 -11.36
C VAL A 357 -6.84 1.31 -11.23
N PRO A 358 -8.16 1.54 -11.11
CA PRO A 358 -9.16 0.49 -11.00
C PRO A 358 -8.97 -0.56 -12.07
N SER A 359 -9.18 -1.82 -11.73
CA SER A 359 -8.86 -2.92 -12.62
C SER A 359 -9.29 -4.21 -11.94
N ASN A 360 -8.76 -5.34 -12.39
CA ASN A 360 -9.16 -6.63 -11.85
C ASN A 360 -8.01 -7.28 -11.12
N VAL A 361 -6.97 -6.52 -10.86
CA VAL A 361 -5.77 -7.02 -10.20
C VAL A 361 -5.33 -6.13 -9.04
N LYS A 362 -4.92 -6.76 -7.95
CA LYS A 362 -4.21 -6.09 -6.87
C LYS A 362 -4.99 -4.88 -6.36
N ALA A 363 -4.33 -3.76 -6.07
CA ALA A 363 -5.08 -2.60 -5.58
C ALA A 363 -6.13 -2.02 -6.57
N GLY A 364 -5.98 -2.23 -7.88
CA GLY A 364 -7.03 -1.85 -8.84
C GLY A 364 -8.37 -2.51 -8.53
N TYR A 365 -8.27 -3.80 -8.18
CA TYR A 365 -9.38 -4.65 -7.82
C TYR A 365 -10.02 -4.20 -6.55
N LEU A 366 -9.22 -3.77 -5.60
CA LEU A 366 -9.79 -3.19 -4.39
C LEU A 366 -10.50 -1.86 -4.66
N ALA A 367 -9.88 -1.00 -5.47
CA ALA A 367 -10.54 0.26 -5.83
C ALA A 367 -11.89 -0.01 -6.52
N ARG A 368 -11.89 -0.95 -7.46
CA ARG A 368 -13.11 -1.33 -8.18
C ARG A 368 -14.17 -1.83 -7.23
N LEU A 369 -13.77 -2.71 -6.29
CA LEU A 369 -14.68 -3.20 -5.25
C LEU A 369 -15.33 -2.07 -4.45
N LEU A 370 -14.53 -1.13 -3.92
CA LEU A 370 -15.08 0.07 -3.24
C LEU A 370 -16.00 0.85 -4.13
N ILE A 371 -15.64 1.01 -5.40
CA ILE A 371 -16.52 1.80 -6.26
C ILE A 371 -17.89 1.12 -6.36
N ARG A 372 -17.88 -0.18 -6.68
CA ARG A 372 -19.13 -0.93 -6.87
C ARG A 372 -19.93 -1.07 -5.60
N LYS A 373 -19.27 -1.44 -4.49
CA LYS A 373 -19.96 -1.44 -3.20
C LYS A 373 -20.62 -0.07 -2.95
N SER A 374 -19.87 1.02 -3.16
CA SER A 374 -20.44 2.34 -2.84
C SER A 374 -21.63 2.68 -3.73
N ILE A 375 -21.49 2.45 -5.04
CA ILE A 375 -22.60 2.72 -5.95
C ILE A 375 -23.88 1.99 -5.49
N ARG A 376 -23.75 0.72 -5.08
CA ARG A 376 -24.93 -0.04 -4.61
C ARG A 376 -25.55 0.49 -3.33
N HIS A 377 -24.72 1.00 -2.44
CA HIS A 377 -25.24 1.69 -1.27
C HIS A 377 -26.07 2.91 -1.67
N LEU A 378 -25.55 3.75 -2.56
CA LEU A 378 -26.32 4.89 -3.06
C LEU A 378 -27.67 4.49 -3.65
N ARG A 379 -27.68 3.36 -4.36
CA ARG A 379 -28.91 2.87 -4.95
C ARG A 379 -29.84 2.29 -3.88
N GLU A 380 -29.29 1.67 -2.84
CA GLU A 380 -30.14 1.21 -1.73
C GLU A 380 -30.72 2.39 -0.93
N LEU A 381 -29.99 3.52 -0.89
CA LEU A 381 -30.54 4.73 -0.27
C LEU A 381 -31.67 5.31 -1.08
N GLY A 382 -31.74 4.91 -2.35
CA GLY A 382 -32.57 5.58 -3.35
C GLY A 382 -31.98 6.94 -3.71
N LEU A 383 -30.66 7.10 -3.56
CA LEU A 383 -30.02 8.34 -4.02
C LEU A 383 -29.53 8.30 -5.45
N GLU A 384 -30.02 9.26 -6.23
CA GLU A 384 -29.56 9.43 -7.60
C GLU A 384 -28.53 10.55 -7.66
N VAL A 385 -27.29 10.19 -7.33
CA VAL A 385 -26.17 11.13 -7.33
C VAL A 385 -24.92 10.38 -7.77
N PRO A 386 -24.22 10.88 -8.81
CA PRO A 386 -23.03 10.16 -9.24
C PRO A 386 -22.00 10.06 -8.11
N LEU A 387 -21.30 8.93 -8.04
CA LEU A 387 -20.28 8.73 -7.02
C LEU A 387 -19.22 9.80 -6.99
N SER A 388 -18.77 10.28 -8.16
CA SER A 388 -17.75 11.34 -8.26
C SER A 388 -18.11 12.58 -7.46
N GLU A 389 -19.38 12.91 -7.37
CA GLU A 389 -19.75 14.07 -6.60
C GLU A 389 -19.36 13.87 -5.15
N ILE A 390 -19.66 12.70 -4.60
CA ILE A 390 -19.22 12.36 -3.23
C ILE A 390 -17.70 12.39 -3.05
N VAL A 391 -16.92 11.84 -3.99
CA VAL A 391 -15.48 12.00 -3.87
C VAL A 391 -15.09 13.50 -3.78
N ALA A 392 -15.73 14.34 -4.61
CA ALA A 392 -15.45 15.79 -4.63
C ALA A 392 -15.51 16.46 -3.24
N LEU A 393 -16.50 16.09 -2.43
CA LEU A 393 -16.56 16.59 -1.07
C LEU A 393 -15.25 16.32 -0.31
N HIS A 394 -14.75 15.08 -0.35
CA HIS A 394 -13.42 14.72 0.21
C HIS A 394 -12.26 15.56 -0.29
N ILE A 395 -12.21 15.78 -1.60
CA ILE A 395 -11.19 16.64 -2.18
C ILE A 395 -11.28 18.08 -1.63
N LYS A 396 -12.52 18.56 -1.44
CA LYS A 396 -12.76 19.91 -0.96
C LYS A 396 -12.35 20.06 0.51
N GLU A 397 -12.66 19.09 1.36
CA GLU A 397 -12.35 19.20 2.77
C GLU A 397 -10.86 18.96 2.99
N LEU A 398 -10.28 18.04 2.22
CA LEU A 398 -8.95 17.54 2.55
C LEU A 398 -7.77 18.09 1.76
N HIS A 399 -8.01 18.80 0.65
CA HIS A 399 -6.86 19.25 -0.11
C HIS A 399 -5.99 20.26 0.65
N LYS A 400 -6.59 21.06 1.54
CA LYS A 400 -5.81 21.92 2.44
C LYS A 400 -4.60 21.13 3.02
N THR A 401 -4.86 19.98 3.64
CA THR A 401 -3.79 19.18 4.23
C THR A 401 -3.19 18.06 3.34
N PHE A 402 -3.80 17.75 2.20
CA PHE A 402 -3.16 16.91 1.19
C PHE A 402 -3.24 17.52 -0.21
N PRO A 403 -2.39 18.51 -0.51
CA PRO A 403 -2.44 19.18 -1.83
C PRO A 403 -2.55 18.26 -3.04
N GLU A 404 -2.01 17.04 -2.95
CA GLU A 404 -2.03 16.09 -4.07
C GLU A 404 -3.47 15.81 -4.60
N PHE A 405 -4.44 15.89 -3.69
CA PHE A 405 -5.84 15.69 -4.05
C PHE A 405 -6.33 16.76 -5.04
N LYS A 406 -5.82 17.99 -4.90
CA LYS A 406 -6.13 19.06 -5.85
C LYS A 406 -5.40 18.77 -7.16
N GLU A 407 -4.10 18.50 -7.07
CA GLU A 407 -3.30 18.17 -8.25
C GLU A 407 -3.86 17.00 -9.08
N MET A 408 -4.41 15.97 -8.42
CA MET A 408 -4.88 14.77 -9.13
C MET A 408 -6.38 14.84 -9.45
N GLU A 409 -7.07 15.80 -8.85
CA GLU A 409 -8.53 15.91 -8.94
C GLU A 409 -9.18 15.52 -10.27
N ASP A 410 -8.67 16.02 -11.39
CA ASP A 410 -9.27 15.71 -12.68
C ASP A 410 -9.20 14.24 -13.05
N ILE A 411 -8.08 13.60 -12.72
CA ILE A 411 -7.89 12.19 -12.99
C ILE A 411 -8.73 11.33 -12.05
N ILE A 412 -8.73 11.65 -10.76
CA ILE A 412 -9.54 10.94 -9.78
C ILE A 412 -11.03 10.91 -10.21
N LEU A 413 -11.56 12.09 -10.58
CA LEU A 413 -12.99 12.19 -10.86
C LEU A 413 -13.36 11.52 -12.16
N GLU A 414 -12.46 11.60 -13.13
CA GLU A 414 -12.58 10.91 -14.40
C GLU A 414 -12.58 9.39 -14.22
N MET A 415 -11.70 8.88 -13.36
CA MET A 415 -11.60 7.45 -13.10
C MET A 415 -12.89 6.95 -12.45
N ILE A 416 -13.38 7.72 -11.48
CA ILE A 416 -14.65 7.37 -10.88
C ILE A 416 -15.77 7.35 -11.90
N GLU A 417 -15.90 8.37 -12.74
CA GLU A 417 -17.00 8.45 -13.70
C GLU A 417 -16.98 7.31 -14.71
N LEU A 418 -15.81 7.02 -15.24
CA LEU A 418 -15.62 5.86 -16.10
C LEU A 418 -16.06 4.56 -15.45
N GLU A 419 -15.66 4.33 -14.21
CA GLU A 419 -16.03 3.13 -13.49
C GLU A 419 -17.53 3.11 -13.30
N GLU A 420 -18.12 4.24 -12.92
CA GLU A 420 -19.57 4.33 -12.76
C GLU A 420 -20.29 4.03 -14.09
N LYS A 421 -19.83 4.64 -15.16
CA LYS A 421 -20.45 4.43 -16.45
C LYS A 421 -20.28 2.97 -16.90
N LYS A 422 -19.06 2.44 -16.80
CA LYS A 422 -18.82 1.06 -17.20
C LYS A 422 -19.54 0.04 -16.29
N TYR A 423 -19.82 0.40 -15.05
CA TYR A 423 -20.60 -0.48 -14.17
C TYR A 423 -22.04 -0.71 -14.64
N ALA A 424 -22.65 0.29 -15.26
CA ALA A 424 -24.05 0.16 -15.66
C ALA A 424 -24.26 -0.93 -16.73
N GLU A 425 -23.27 -1.11 -17.60
CA GLU A 425 -23.31 -2.16 -18.63
C GLU A 425 -22.98 -3.53 -18.01
N THR A 426 -21.81 -3.61 -17.38
CA THR A 426 -21.45 -4.80 -16.61
C THR A 426 -22.66 -5.47 -15.94
N LEU A 427 -23.60 -4.65 -15.45
CA LEU A 427 -24.80 -5.08 -14.76
C LEU A 427 -25.92 -5.69 -15.62
N ARG A 428 -26.20 -5.11 -16.78
CA ARG A 428 -27.29 -5.63 -17.59
C ARG A 428 -26.92 -7.01 -18.13
N ARG A 429 -25.75 -7.11 -18.75
CA ARG A 429 -25.27 -8.36 -19.31
C ARG A 429 -24.91 -9.37 -18.21
N GLY A 430 -24.38 -8.88 -17.08
CA GLY A 430 -24.13 -9.70 -15.90
C GLY A 430 -25.40 -10.30 -15.30
N SER A 431 -26.46 -9.51 -15.22
CA SER A 431 -27.74 -10.01 -14.72
C SER A 431 -28.26 -11.18 -15.56
N ASP A 432 -28.33 -10.98 -16.88
CA ASP A 432 -28.76 -12.02 -17.78
C ASP A 432 -27.92 -13.29 -17.63
N LEU A 433 -26.59 -13.15 -17.61
CA LEU A 433 -25.67 -14.28 -17.53
C LEU A 433 -25.81 -15.09 -16.25
N VAL A 434 -25.98 -14.42 -15.11
CA VAL A 434 -26.11 -15.16 -13.86
C VAL A 434 -27.47 -15.87 -13.78
N ARG A 435 -28.55 -15.13 -14.01
CA ARG A 435 -29.91 -15.69 -14.07
C ARG A 435 -29.97 -17.00 -14.87
N ARG A 436 -29.23 -17.06 -15.98
CA ARG A 436 -29.16 -18.29 -16.75
C ARG A 436 -28.38 -19.39 -16.05
N GLU A 437 -27.30 -19.05 -15.35
CA GLU A 437 -26.52 -20.10 -14.69
C GLU A 437 -27.02 -20.48 -13.28
N ILE A 438 -27.98 -19.69 -12.78
CA ILE A 438 -28.76 -20.06 -11.60
C ILE A 438 -29.77 -21.15 -11.96
N ALA A 439 -30.50 -20.94 -13.07
CA ALA A 439 -31.47 -21.90 -13.59
C ALA A 439 -30.83 -23.26 -13.91
N LYS A 440 -29.58 -23.20 -14.39
CA LYS A 440 -28.77 -24.40 -14.61
C LYS A 440 -28.55 -25.14 -13.28
N LEU A 441 -28.07 -24.43 -12.26
CA LEU A 441 -27.90 -25.01 -10.92
C LEU A 441 -29.22 -25.54 -10.31
N LYS A 442 -30.33 -24.88 -10.61
CA LYS A 442 -31.64 -25.22 -10.04
C LYS A 442 -32.22 -26.55 -10.58
N LYS A 443 -32.02 -26.81 -11.87
CA LYS A 443 -32.39 -28.10 -12.47
C LYS A 443 -31.29 -29.14 -12.25
N LYS A 444 -30.22 -28.74 -11.57
CA LYS A 444 -29.17 -29.64 -11.10
C LYS A 444 -29.38 -29.97 -9.61
N GLY A 445 -30.62 -29.79 -9.14
CA GLY A 445 -31.00 -30.09 -7.76
C GLY A 445 -30.34 -29.25 -6.68
N ILE A 446 -30.15 -27.97 -6.96
CA ILE A 446 -29.55 -27.06 -5.98
C ILE A 446 -30.55 -25.93 -5.70
N LYS A 447 -30.78 -25.67 -4.41
CA LYS A 447 -31.73 -24.64 -3.99
C LYS A 447 -31.13 -23.69 -2.96
N GLU A 448 -29.81 -23.52 -2.99
CA GLU A 448 -29.08 -22.76 -1.96
C GLU A 448 -28.23 -21.59 -2.50
N ILE A 449 -27.20 -21.92 -3.28
CA ILE A 449 -26.09 -21.00 -3.69
C ILE A 449 -25.08 -20.78 -2.55
N PRO A 450 -23.92 -21.49 -2.60
CA PRO A 450 -22.86 -21.38 -1.58
C PRO A 450 -21.95 -20.16 -1.72
N VAL A 451 -21.38 -19.73 -0.59
CA VAL A 451 -20.44 -18.61 -0.54
C VAL A 451 -19.57 -18.51 -1.79
N GLU A 452 -18.80 -19.57 -2.03
CA GLU A 452 -17.87 -19.67 -3.17
C GLU A 452 -18.39 -19.20 -4.53
N LYS A 453 -19.66 -19.52 -4.82
CA LYS A 453 -20.27 -19.20 -6.10
C LYS A 453 -20.78 -17.77 -6.12
N LEU A 454 -21.26 -17.25 -5.00
CA LEU A 454 -21.56 -15.82 -4.86
C LEU A 454 -20.31 -14.98 -5.11
N VAL A 455 -19.16 -15.48 -4.62
CA VAL A 455 -17.87 -14.85 -4.82
C VAL A 455 -17.57 -14.84 -6.31
N THR A 456 -17.69 -15.98 -6.96
CA THR A 456 -17.46 -16.09 -8.41
C THR A 456 -18.38 -15.17 -9.21
N PHE A 457 -19.61 -14.96 -8.75
CA PHE A 457 -20.54 -14.11 -9.47
C PHE A 457 -19.99 -12.71 -9.48
N TYR A 458 -19.52 -12.24 -8.34
CA TYR A 458 -18.81 -10.97 -8.30
C TYR A 458 -17.53 -11.04 -9.16
N GLU A 459 -16.71 -12.04 -8.89
CA GLU A 459 -15.38 -12.14 -9.46
C GLU A 459 -15.40 -12.15 -10.99
N SER A 460 -16.44 -12.67 -11.62
CA SER A 460 -16.43 -12.77 -13.07
C SER A 460 -17.61 -12.12 -13.81
N HIS A 461 -18.63 -11.69 -13.08
CA HIS A 461 -19.75 -10.99 -13.70
C HIS A 461 -19.95 -9.61 -13.08
N GLY A 462 -19.16 -9.35 -12.03
CA GLY A 462 -19.14 -8.09 -11.33
C GLY A 462 -20.40 -7.78 -10.54
N LEU A 463 -21.24 -8.79 -10.31
CA LEU A 463 -22.46 -8.55 -9.55
C LEU A 463 -22.23 -8.72 -8.05
N THR A 464 -22.84 -7.82 -7.27
CA THR A 464 -22.80 -7.86 -5.82
C THR A 464 -23.99 -8.73 -5.37
N PRO A 465 -23.87 -9.39 -4.20
CA PRO A 465 -24.86 -10.34 -3.70
C PRO A 465 -26.30 -9.83 -3.53
N GLU A 466 -26.50 -8.54 -3.28
CA GLU A 466 -27.87 -8.03 -3.23
C GLU A 466 -28.55 -8.27 -4.59
N ILE A 467 -27.81 -8.02 -5.68
CA ILE A 467 -28.37 -8.16 -7.02
C ILE A 467 -28.71 -9.62 -7.31
N VAL A 468 -27.78 -10.50 -6.95
CA VAL A 468 -27.92 -11.93 -7.17
C VAL A 468 -29.18 -12.44 -6.51
N LYS A 469 -29.42 -12.01 -5.28
CA LYS A 469 -30.52 -12.55 -4.50
C LYS A 469 -31.92 -12.24 -5.06
N GLU A 470 -32.15 -11.03 -5.60
CA GLU A 470 -33.48 -10.75 -6.17
C GLU A 470 -33.68 -11.40 -7.53
N ILE A 471 -32.58 -11.68 -8.22
CA ILE A 471 -32.61 -12.51 -9.41
C ILE A 471 -32.94 -13.95 -9.01
N ALA A 472 -32.29 -14.44 -7.96
CA ALA A 472 -32.42 -15.83 -7.52
C ALA A 472 -33.83 -16.12 -7.00
N GLU A 473 -34.20 -15.49 -5.88
CA GLU A 473 -35.59 -15.56 -5.47
C GLU A 473 -36.42 -14.75 -6.48
N LYS A 474 -36.88 -15.49 -7.49
CA LYS A 474 -37.62 -14.99 -8.64
C LYS A 474 -37.64 -16.18 -9.59
N GLU A 475 -37.02 -17.28 -9.12
CA GLU A 475 -37.17 -18.61 -9.70
C GLU A 475 -36.78 -19.72 -8.71
N GLY A 476 -37.21 -19.55 -7.46
CA GLY A 476 -37.13 -20.58 -6.44
C GLY A 476 -35.73 -21.01 -5.96
N VAL A 477 -34.81 -20.05 -5.89
CA VAL A 477 -33.47 -20.33 -5.35
C VAL A 477 -33.12 -19.35 -4.23
N LYS A 478 -32.25 -19.80 -3.31
CA LYS A 478 -31.98 -19.10 -2.05
C LYS A 478 -30.95 -17.96 -2.02
N VAL A 479 -31.35 -16.87 -1.36
CA VAL A 479 -30.45 -15.82 -0.87
C VAL A 479 -29.92 -16.23 0.49
N ASN A 480 -28.59 -16.25 0.64
CA ASN A 480 -28.00 -16.26 1.97
C ASN A 480 -26.70 -15.49 1.98
N ILE A 481 -26.81 -14.15 1.96
CA ILE A 481 -25.62 -13.30 1.91
C ILE A 481 -24.86 -13.42 3.23
N PRO A 482 -23.60 -13.91 3.18
CA PRO A 482 -22.76 -13.99 4.38
C PRO A 482 -22.50 -12.62 4.99
N ASP A 483 -22.41 -12.57 6.31
CA ASP A 483 -22.21 -11.32 7.04
C ASP A 483 -20.85 -10.72 6.62
N ASN A 484 -19.93 -11.58 6.19
CA ASN A 484 -18.55 -11.20 5.92
C ASN A 484 -18.21 -11.21 4.43
N PHE A 485 -19.24 -11.12 3.59
CA PHE A 485 -19.04 -11.25 2.16
C PHE A 485 -17.86 -10.44 1.58
N TYR A 486 -17.81 -9.15 1.91
CA TYR A 486 -16.86 -8.25 1.26
C TYR A 486 -15.43 -8.45 1.67
N SER A 487 -15.20 -8.81 2.92
CA SER A 487 -13.82 -9.06 3.40
C SER A 487 -13.29 -10.35 2.81
N MET A 488 -14.23 -11.19 2.38
CA MET A 488 -13.93 -12.39 1.64
C MET A 488 -13.34 -11.99 0.33
N VAL A 489 -14.21 -11.53 -0.57
CA VAL A 489 -13.86 -10.99 -1.88
C VAL A 489 -12.57 -10.18 -1.88
N ALA A 490 -12.38 -9.38 -0.83
CA ALA A 490 -11.15 -8.64 -0.61
C ALA A 490 -9.90 -9.53 -0.63
N LYS A 491 -9.93 -10.68 0.03
CA LYS A 491 -8.79 -11.63 0.07
C LYS A 491 -8.30 -12.06 -1.30
N GLU A 492 -9.19 -12.02 -2.30
CA GLU A 492 -8.89 -12.47 -3.67
C GLU A 492 -7.80 -11.68 -4.37
N ALA A 493 -7.77 -10.37 -4.14
CA ALA A 493 -6.80 -9.45 -4.77
C ALA A 493 -5.34 -9.94 -4.73
N GLU A 494 -5.01 -10.73 -3.71
CA GLU A 494 -3.66 -11.25 -3.50
C GLU A 494 -3.46 -12.65 -4.08
N ARG A 495 -3.34 -12.68 -5.41
CA ARG A 495 -3.12 -13.88 -6.21
C ARG A 495 -1.69 -14.47 -5.98
N THR A 496 -1.49 -15.72 -6.41
CA THR A 496 -0.23 -16.47 -6.27
C THR A 496 0.46 -16.25 -4.91
N LEU A 504 16.49 -21.08 -12.99
CA LEU A 504 17.43 -20.36 -12.14
C LEU A 504 18.85 -20.22 -12.76
N VAL A 505 19.04 -20.87 -13.92
CA VAL A 505 20.22 -20.73 -14.83
C VAL A 505 21.64 -21.16 -14.33
N ASP A 506 21.88 -21.13 -13.01
CA ASP A 506 23.24 -21.31 -12.44
C ASP A 506 23.32 -20.86 -10.96
N PHE A 507 23.64 -21.78 -10.04
CA PHE A 507 23.53 -21.45 -8.60
C PHE A 507 24.74 -21.79 -7.71
N GLU A 508 24.89 -21.05 -6.59
CA GLU A 508 25.74 -21.42 -5.42
C GLU A 508 27.25 -21.62 -5.67
N LEU A 509 27.58 -22.22 -6.81
CA LEU A 509 28.98 -22.44 -7.22
C LEU A 509 29.71 -21.12 -7.48
N LEU A 510 29.04 -20.02 -7.12
CA LEU A 510 29.49 -18.65 -7.36
C LEU A 510 29.82 -17.92 -6.07
N LYS A 511 29.01 -18.15 -5.03
CA LYS A 511 29.08 -17.45 -3.72
C LYS A 511 30.50 -17.06 -3.21
N ASP A 512 31.48 -17.90 -3.53
CA ASP A 512 32.87 -17.76 -3.09
C ASP A 512 33.71 -16.80 -3.97
N LEU A 513 33.07 -16.23 -4.99
CA LEU A 513 33.73 -15.32 -5.94
C LEU A 513 33.43 -13.84 -5.68
N PRO A 514 34.40 -12.94 -5.99
CA PRO A 514 34.19 -11.50 -5.86
C PRO A 514 33.19 -10.95 -6.86
N ASP A 515 32.55 -9.85 -6.50
CA ASP A 515 31.63 -9.16 -7.42
C ASP A 515 32.38 -8.74 -8.68
N THR A 516 31.72 -8.88 -9.82
CA THR A 516 32.31 -8.47 -11.08
C THR A 516 32.37 -6.96 -11.12
N ARG A 517 33.52 -6.44 -11.51
CA ARG A 517 33.65 -5.02 -11.75
C ARG A 517 32.90 -4.68 -13.02
N ARG A 518 31.90 -3.80 -12.89
CA ARG A 518 31.06 -3.42 -14.01
C ARG A 518 31.63 -2.20 -14.75
N LEU A 519 32.50 -2.48 -15.71
CA LEU A 519 33.18 -1.45 -16.48
C LEU A 519 32.18 -0.61 -17.29
N TYR A 520 31.09 -1.26 -17.69
CA TYR A 520 30.01 -0.56 -18.37
C TYR A 520 29.28 0.47 -17.48
N TYR A 521 29.56 0.47 -16.18
CA TYR A 521 29.10 1.56 -15.30
C TYR A 521 30.11 2.69 -15.19
N GLU A 522 31.39 2.35 -15.33
CA GLU A 522 32.44 3.34 -15.32
C GLU A 522 32.50 4.10 -16.65
N ASP A 523 32.31 3.38 -17.76
CA ASP A 523 32.33 3.96 -19.10
C ASP A 523 31.39 3.16 -20.02
N PRO A 524 30.20 3.72 -20.33
CA PRO A 524 29.26 2.98 -21.16
C PRO A 524 29.58 3.14 -22.65
N PHE A 525 30.80 3.58 -22.96
CA PHE A 525 31.28 3.68 -24.33
C PHE A 525 32.53 2.83 -24.46
N MET A 526 32.87 2.13 -23.39
CA MET A 526 33.93 1.15 -23.44
C MET A 526 33.42 -0.01 -24.31
N LYS A 527 34.14 -0.27 -25.40
CA LYS A 527 33.77 -1.34 -26.32
C LYS A 527 34.76 -2.50 -26.27
N GLU A 528 35.97 -2.24 -25.73
CA GLU A 528 36.99 -3.27 -25.50
C GLU A 528 37.61 -3.14 -24.11
N PHE A 529 38.13 -4.24 -23.59
CA PHE A 529 38.70 -4.25 -22.24
C PHE A 529 39.67 -5.42 -22.08
N ASP A 530 40.27 -5.55 -20.90
CA ASP A 530 41.05 -6.73 -20.56
C ASP A 530 40.60 -7.23 -19.20
N ALA A 531 40.63 -8.54 -19.01
CA ALA A 531 40.20 -9.13 -17.75
C ALA A 531 40.77 -10.51 -17.57
N LYS A 532 40.55 -11.06 -16.38
CA LYS A 532 41.12 -12.32 -15.96
C LYS A 532 39.98 -13.32 -15.73
N VAL A 533 40.17 -14.56 -16.19
CA VAL A 533 39.16 -15.62 -15.99
C VAL A 533 39.23 -16.14 -14.56
N LEU A 534 38.09 -16.07 -13.88
CA LEU A 534 37.97 -16.52 -12.50
C LEU A 534 37.46 -17.94 -12.38
N ARG A 535 36.42 -18.29 -13.14
CA ARG A 535 35.88 -19.64 -13.20
C ARG A 535 35.34 -20.02 -14.59
N VAL A 536 35.40 -21.30 -14.93
CA VAL A 536 34.67 -21.80 -16.10
C VAL A 536 33.67 -22.92 -15.70
N ILE A 537 32.42 -22.55 -15.43
CA ILE A 537 31.38 -23.54 -15.08
C ILE A 537 30.54 -24.00 -16.28
N LYS A 538 30.65 -25.29 -16.63
CA LYS A 538 29.98 -25.88 -17.79
C LYS A 538 30.41 -25.12 -19.05
N ASP A 539 29.62 -24.11 -19.44
CA ASP A 539 29.92 -23.29 -20.63
C ASP A 539 29.78 -21.76 -20.38
N TRP A 540 29.67 -21.40 -19.10
CA TRP A 540 29.72 -20.02 -18.66
C TRP A 540 31.10 -19.63 -18.10
N VAL A 541 31.66 -18.55 -18.65
CA VAL A 541 32.93 -17.98 -18.21
C VAL A 541 32.64 -16.84 -17.25
N ILE A 542 33.43 -16.75 -16.19
CA ILE A 542 33.26 -15.71 -15.19
C ILE A 542 34.53 -14.87 -15.08
N LEU A 543 34.38 -13.58 -15.29
CA LEU A 543 35.50 -12.64 -15.25
C LEU A 543 35.57 -11.88 -13.92
N ASP A 544 36.69 -11.20 -13.69
CA ASP A 544 36.88 -10.27 -12.56
C ASP A 544 36.33 -8.86 -12.87
N ALA A 545 36.14 -8.57 -14.17
CA ALA A 545 35.69 -7.27 -14.65
C ALA A 545 35.15 -7.46 -16.07
N THR A 546 34.07 -6.77 -16.44
CA THR A 546 33.50 -6.91 -17.79
C THR A 546 32.75 -5.66 -18.20
N ALA A 547 32.81 -5.37 -19.50
CA ALA A 547 32.00 -4.33 -20.13
C ALA A 547 30.78 -4.95 -20.82
N PHE A 548 30.64 -6.30 -20.75
CA PHE A 548 29.44 -6.98 -21.25
C PHE A 548 28.24 -6.77 -20.34
N TYR A 549 27.20 -6.14 -20.89
CA TYR A 549 25.94 -5.96 -20.17
C TYR A 549 25.16 -7.26 -19.94
N PRO A 550 24.96 -7.63 -18.67
CA PRO A 550 24.09 -8.75 -18.29
C PRO A 550 22.61 -8.37 -18.43
N GLU A 551 21.80 -9.31 -18.93
CA GLU A 551 20.36 -9.11 -19.09
C GLU A 551 19.72 -8.52 -17.83
N GLY A 552 18.80 -7.57 -18.00
CA GLY A 552 18.05 -6.99 -16.89
C GLY A 552 17.41 -5.66 -17.19
N GLY A 553 16.24 -5.40 -16.57
CA GLY A 553 15.56 -4.12 -16.69
C GLY A 553 14.95 -3.90 -18.06
N GLY A 554 14.53 -4.99 -18.69
CA GLY A 554 14.06 -4.97 -20.07
C GLY A 554 15.11 -4.73 -21.15
N GLN A 555 16.40 -4.61 -20.78
CA GLN A 555 17.50 -4.51 -21.74
C GLN A 555 18.13 -5.89 -21.94
N PRO A 556 18.09 -6.44 -23.18
CA PRO A 556 18.82 -7.69 -23.44
C PRO A 556 20.33 -7.55 -23.24
N TYR A 557 21.01 -8.69 -23.23
CA TYR A 557 22.42 -8.77 -22.96
C TYR A 557 23.22 -8.24 -24.13
N ASP A 558 24.47 -7.88 -23.86
CA ASP A 558 25.36 -7.57 -24.95
C ASP A 558 25.74 -8.92 -25.54
N THR A 559 26.28 -8.88 -26.75
CA THR A 559 27.05 -9.99 -27.28
C THR A 559 28.43 -9.45 -27.68
N GLY A 560 29.21 -10.27 -28.38
CA GLY A 560 30.57 -9.90 -28.77
C GLY A 560 31.47 -11.11 -28.67
N VAL A 561 32.77 -10.87 -28.52
CA VAL A 561 33.74 -11.93 -28.42
C VAL A 561 34.67 -11.72 -27.24
N LEU A 562 35.29 -12.82 -26.79
CA LEU A 562 36.42 -12.78 -25.88
C LEU A 562 37.60 -13.40 -26.62
N ILE A 563 38.78 -12.79 -26.49
CA ILE A 563 39.95 -13.28 -27.22
C ILE A 563 40.96 -13.93 -26.27
N VAL A 564 41.36 -15.17 -26.58
CA VAL A 564 42.27 -15.93 -25.73
C VAL A 564 43.23 -16.79 -26.58
N ASN A 565 44.54 -16.59 -26.38
CA ASN A 565 45.57 -17.24 -27.20
C ASN A 565 45.45 -16.92 -28.70
N GLY A 566 44.92 -15.74 -29.01
CA GLY A 566 44.71 -15.32 -30.39
C GLY A 566 43.57 -16.07 -31.04
N ARG A 567 42.56 -16.40 -30.24
CA ARG A 567 41.44 -17.27 -30.64
C ARG A 567 40.16 -16.53 -30.27
N GLU A 568 39.39 -16.09 -31.27
CA GLU A 568 38.13 -15.39 -30.99
C GLU A 568 36.99 -16.37 -30.67
N VAL A 569 36.38 -16.20 -29.49
CA VAL A 569 35.21 -16.98 -29.10
C VAL A 569 33.99 -16.11 -28.78
N LYS A 570 32.98 -16.18 -29.64
CA LYS A 570 31.72 -15.48 -29.48
C LYS A 570 31.09 -15.64 -28.09
N VAL A 571 30.55 -14.53 -27.58
CA VAL A 571 29.66 -14.49 -26.42
C VAL A 571 28.24 -14.38 -26.96
N THR A 572 27.34 -15.24 -26.48
CA THR A 572 25.98 -15.34 -27.03
C THR A 572 24.90 -15.03 -26.01
N ASN A 573 25.33 -14.82 -24.76
CA ASN A 573 24.44 -14.57 -23.62
C ASN A 573 25.28 -14.00 -22.50
N VAL A 574 24.69 -13.15 -21.66
CA VAL A 574 25.39 -12.61 -20.50
C VAL A 574 24.34 -12.39 -19.42
N GLN A 575 24.42 -13.20 -18.38
CA GLN A 575 23.48 -13.12 -17.25
C GLN A 575 24.19 -12.73 -15.95
N LYS A 576 23.37 -12.36 -14.97
CA LYS A 576 23.80 -11.88 -13.65
C LYS A 576 23.19 -12.82 -12.59
N VAL A 577 24.02 -13.31 -11.66
CA VAL A 577 23.54 -14.11 -10.53
C VAL A 577 24.14 -13.52 -9.27
N GLY A 578 23.29 -12.87 -8.47
CA GLY A 578 23.75 -12.04 -7.36
C GLY A 578 24.52 -10.88 -7.94
N LYS A 579 25.78 -10.75 -7.53
CA LYS A 579 26.62 -9.70 -8.09
C LYS A 579 27.66 -10.25 -9.06
N VAL A 580 27.56 -11.53 -9.40
CA VAL A 580 28.55 -12.18 -10.29
C VAL A 580 27.94 -12.43 -11.68
N ILE A 581 28.58 -11.88 -12.71
CA ILE A 581 28.05 -12.06 -14.07
C ILE A 581 28.73 -13.22 -14.78
N ILE A 582 27.94 -13.95 -15.55
CA ILE A 582 28.38 -15.13 -16.28
C ILE A 582 28.27 -14.91 -17.79
N HIS A 583 29.31 -15.29 -18.52
CA HIS A 583 29.33 -15.12 -19.96
C HIS A 583 29.14 -16.47 -20.62
N LYS A 584 28.08 -16.64 -21.41
CA LYS A 584 27.91 -17.86 -22.20
C LYS A 584 28.73 -17.73 -23.48
N VAL A 585 29.75 -18.58 -23.60
CA VAL A 585 30.64 -18.61 -24.76
C VAL A 585 30.49 -19.93 -25.54
N GLU A 586 30.86 -19.90 -26.83
CA GLU A 586 30.73 -21.05 -27.73
C GLU A 586 31.77 -22.17 -27.54
N ASP A 587 32.86 -21.88 -26.84
CA ASP A 587 33.97 -22.83 -26.65
C ASP A 587 34.56 -22.68 -25.24
N PRO A 588 33.96 -23.37 -24.24
CA PRO A 588 34.43 -23.29 -22.85
C PRO A 588 35.82 -23.89 -22.59
N GLY A 589 36.26 -24.84 -23.42
CA GLY A 589 37.59 -25.44 -23.29
C GLY A 589 38.77 -24.55 -23.67
N ALA A 590 38.48 -23.37 -24.23
CA ALA A 590 39.53 -22.41 -24.62
C ALA A 590 40.03 -21.58 -23.43
N PHE A 591 39.20 -21.54 -22.39
CA PHE A 591 39.42 -20.71 -21.20
C PHE A 591 39.72 -21.56 -19.97
N LYS A 592 40.65 -21.11 -19.15
CA LYS A 592 40.93 -21.75 -17.86
C LYS A 592 41.13 -20.67 -16.83
N GLU A 593 40.83 -20.99 -15.57
CA GLU A 593 41.05 -20.11 -14.42
C GLU A 593 42.46 -19.48 -14.46
N GLY A 594 42.52 -18.16 -14.26
CA GLY A 594 43.78 -17.40 -14.30
C GLY A 594 44.19 -16.86 -15.67
N MET A 595 43.48 -17.27 -16.71
CA MET A 595 43.73 -16.80 -18.08
C MET A 595 43.34 -15.33 -18.29
N ILE A 596 44.16 -14.57 -19.00
CA ILE A 596 43.85 -13.17 -19.32
C ILE A 596 43.22 -13.07 -20.71
N VAL A 597 42.04 -12.47 -20.78
CA VAL A 597 41.28 -12.40 -22.03
C VAL A 597 41.01 -10.97 -22.49
N HIS A 598 40.75 -10.83 -23.79
CA HIS A 598 40.44 -9.55 -24.36
C HIS A 598 38.99 -9.48 -24.83
N GLY A 599 38.17 -8.76 -24.07
CA GLY A 599 36.78 -8.52 -24.42
C GLY A 599 36.55 -7.47 -25.51
N LYS A 600 35.60 -7.75 -26.39
CA LYS A 600 35.23 -6.88 -27.49
C LYS A 600 33.69 -6.97 -27.69
N ILE A 601 32.98 -5.92 -27.28
CA ILE A 601 31.52 -5.83 -27.38
C ILE A 601 31.08 -5.60 -28.83
N ASP A 602 29.93 -6.16 -29.21
CA ASP A 602 29.25 -5.84 -30.49
C ASP A 602 28.61 -4.44 -30.38
N TRP A 603 29.23 -3.44 -31.01
CA TRP A 603 28.82 -2.09 -30.74
C TRP A 603 27.45 -1.71 -31.28
N LYS A 604 27.11 -2.18 -32.48
CA LYS A 604 25.80 -1.94 -33.07
C LYS A 604 24.65 -2.38 -32.16
N ARG A 605 24.71 -3.63 -31.71
CA ARG A 605 23.68 -4.17 -30.82
C ARG A 605 23.60 -3.32 -29.54
N ARG A 606 24.74 -2.98 -28.96
CA ARG A 606 24.73 -2.12 -27.77
C ARG A 606 24.14 -0.73 -28.03
N ILE A 607 24.63 -0.04 -29.06
CA ILE A 607 24.13 1.31 -29.37
C ILE A 607 22.62 1.36 -29.63
N GLN A 608 22.08 0.37 -30.33
CA GLN A 608 20.64 0.31 -30.51
C GLN A 608 19.86 0.08 -29.22
N HIS A 609 20.44 -0.63 -28.26
CA HIS A 609 19.76 -0.81 -26.95
C HIS A 609 19.81 0.48 -26.13
N MET A 610 21.01 1.06 -26.02
CA MET A 610 21.18 2.38 -25.35
C MET A 610 20.13 3.41 -25.84
N ARG A 611 20.00 3.56 -27.16
CA ARG A 611 18.97 4.44 -27.75
C ARG A 611 17.55 4.07 -27.31
N HIS A 612 17.22 2.79 -27.33
CA HIS A 612 15.89 2.37 -26.95
C HIS A 612 15.65 2.50 -25.46
N HIS A 613 16.70 2.26 -24.67
CA HIS A 613 16.53 2.36 -23.23
C HIS A 613 16.40 3.81 -22.81
N THR A 614 17.29 4.67 -23.28
CA THR A 614 17.14 6.07 -22.94
C THR A 614 15.86 6.66 -23.55
N GLY A 615 15.51 6.23 -24.76
CA GLY A 615 14.24 6.58 -25.35
C GLY A 615 13.07 6.27 -24.43
N THR A 616 13.11 5.09 -23.82
CA THR A 616 12.07 4.60 -22.92
C THR A 616 11.92 5.56 -21.77
N HIS A 617 13.03 6.16 -21.36
CA HIS A 617 12.99 7.11 -20.26
C HIS A 617 12.49 8.47 -20.73
N VAL A 618 12.91 8.91 -21.92
CA VAL A 618 12.35 10.12 -22.52
C VAL A 618 10.81 9.98 -22.64
N LEU A 619 10.40 8.83 -23.14
CA LEU A 619 9.00 8.46 -23.24
C LEU A 619 8.22 8.62 -21.94
N MET A 620 8.77 8.05 -20.86
CA MET A 620 8.07 8.02 -19.60
C MET A 620 7.77 9.42 -19.06
N GLY A 621 8.74 10.34 -19.17
CA GLY A 621 8.53 11.74 -18.85
C GLY A 621 7.46 12.40 -19.71
N ALA A 622 7.35 11.98 -20.98
CA ALA A 622 6.28 12.51 -21.83
C ALA A 622 4.93 11.92 -21.47
N LEU A 623 4.88 10.61 -21.23
CA LEU A 623 3.63 9.96 -20.86
C LEU A 623 3.09 10.55 -19.58
N VAL A 624 3.95 10.66 -18.57
CA VAL A 624 3.56 11.22 -17.29
C VAL A 624 2.95 12.58 -17.48
N ARG A 625 3.57 13.43 -18.31
CA ARG A 625 3.09 14.81 -18.49
C ARG A 625 1.82 14.96 -19.30
N VAL A 626 1.62 14.10 -20.29
CA VAL A 626 0.40 14.16 -21.13
C VAL A 626 -0.77 13.35 -20.50
N LEU A 627 -0.47 12.19 -19.93
CA LEU A 627 -1.52 11.40 -19.33
C LEU A 627 -1.74 11.70 -17.84
N GLY A 628 -0.68 11.87 -17.07
CA GLY A 628 -0.85 12.17 -15.64
C GLY A 628 0.08 11.37 -14.73
N ARG A 629 0.18 11.82 -13.49
CA ARG A 629 1.16 11.32 -12.54
C ARG A 629 0.92 9.88 -12.11
N HIS A 630 -0.32 9.40 -12.26
CA HIS A 630 -0.67 8.01 -12.03
C HIS A 630 0.03 7.06 -12.99
N VAL A 631 0.83 7.60 -13.90
CA VAL A 631 1.41 6.75 -14.93
C VAL A 631 2.61 6.04 -14.36
N TRP A 632 2.55 4.71 -14.31
CA TRP A 632 3.63 3.93 -13.74
C TRP A 632 3.94 2.80 -14.67
N GLN A 633 5.23 2.51 -14.83
CA GLN A 633 5.64 1.35 -15.61
C GLN A 633 4.98 0.08 -15.06
N ALA A 634 4.67 -0.85 -15.94
CA ALA A 634 4.01 -2.09 -15.62
C ALA A 634 4.70 -3.21 -16.38
N GLY A 635 5.47 -2.84 -17.39
CA GLY A 635 6.21 -3.78 -18.21
C GLY A 635 7.04 -2.97 -19.16
N SER A 636 8.15 -3.54 -19.60
CA SER A 636 9.11 -2.86 -20.46
C SER A 636 9.99 -3.89 -21.11
N GLN A 637 10.20 -3.74 -22.40
CA GLN A 637 11.04 -4.65 -23.15
C GLN A 637 11.59 -3.91 -24.36
N LEU A 638 12.91 -3.99 -24.58
CA LEU A 638 13.47 -3.42 -25.81
C LEU A 638 14.31 -4.40 -26.62
N THR A 639 14.35 -4.20 -27.95
CA THR A 639 15.20 -4.99 -28.85
C THR A 639 16.01 -4.03 -29.72
N THR A 640 16.69 -4.54 -30.74
CA THR A 640 17.55 -3.68 -31.56
C THR A 640 16.76 -2.81 -32.55
N ASP A 641 15.47 -3.12 -32.70
CA ASP A 641 14.63 -2.53 -33.74
C ASP A 641 13.42 -1.74 -33.22
N TRP A 642 12.91 -2.17 -32.07
CA TRP A 642 11.79 -1.53 -31.42
C TRP A 642 11.93 -1.65 -29.91
N ALA A 643 11.10 -0.90 -29.19
CA ALA A 643 10.95 -1.04 -27.76
C ALA A 643 9.47 -1.02 -27.45
N ARG A 644 9.10 -1.58 -26.30
CA ARG A 644 7.76 -1.39 -25.78
C ARG A 644 7.77 -0.98 -24.30
N LEU A 645 6.78 -0.16 -23.93
CA LEU A 645 6.58 0.22 -22.56
C LEU A 645 5.12 -0.05 -22.22
N ASP A 646 4.88 -0.80 -21.15
CA ASP A 646 3.53 -1.06 -20.64
C ASP A 646 3.33 -0.14 -19.46
N ILE A 647 2.17 0.51 -19.39
CA ILE A 647 1.91 1.43 -18.30
C ILE A 647 0.56 1.21 -17.67
N SER A 648 0.41 1.62 -16.42
CA SER A 648 -0.88 1.63 -15.78
C SER A 648 -1.62 2.91 -16.22
N HIS A 649 -2.75 2.72 -16.88
CA HIS A 649 -3.54 3.84 -17.36
C HIS A 649 -4.98 3.36 -17.40
N TYR A 650 -5.93 4.30 -17.32
CA TYR A 650 -7.34 3.97 -17.14
C TYR A 650 -8.21 4.05 -18.37
N LYS A 651 -7.60 4.26 -19.55
CA LYS A 651 -8.36 4.29 -20.83
C LYS A 651 -7.45 4.20 -22.02
N ARG A 652 -8.04 4.07 -23.19
CA ARG A 652 -7.26 3.95 -24.41
C ARG A 652 -6.53 5.29 -24.63
N ILE A 653 -5.32 5.20 -25.17
CA ILE A 653 -4.61 6.39 -25.64
C ILE A 653 -5.14 6.72 -27.03
N SER A 654 -5.61 7.95 -27.22
CA SER A 654 -6.22 8.33 -28.48
C SER A 654 -5.14 8.63 -29.51
N GLU A 655 -5.48 8.50 -30.79
CA GLU A 655 -4.59 8.86 -31.88
C GLU A 655 -3.91 10.23 -31.69
N GLU A 656 -4.67 11.19 -31.22
CA GLU A 656 -4.20 12.55 -30.99
C GLU A 656 -3.20 12.59 -29.84
N GLU A 657 -3.53 11.93 -28.73
CA GLU A 657 -2.57 11.81 -27.61
C GLU A 657 -1.30 11.10 -28.03
N LEU A 658 -1.43 10.11 -28.91
CA LEU A 658 -0.27 9.39 -29.44
C LEU A 658 0.71 10.38 -30.04
N LYS A 659 0.20 11.23 -30.94
CA LYS A 659 0.99 12.27 -31.58
C LYS A 659 1.49 13.33 -30.60
N GLU A 660 0.71 13.61 -29.55
CA GLU A 660 1.11 14.60 -28.55
C GLU A 660 2.33 14.12 -27.77
N ILE A 661 2.33 12.81 -27.49
CA ILE A 661 3.40 12.15 -26.77
C ILE A 661 4.63 12.09 -27.66
N GLU A 662 4.43 11.70 -28.91
CA GLU A 662 5.53 11.55 -29.84
C GLU A 662 6.19 12.91 -30.04
N MET A 663 5.38 13.98 -30.09
CA MET A 663 5.97 15.30 -30.26
C MET A 663 6.83 15.65 -29.07
N LEU A 664 6.26 15.52 -27.88
CA LEU A 664 6.92 15.93 -26.67
C LEU A 664 8.22 15.15 -26.45
N ALA A 665 8.18 13.85 -26.73
CA ALA A 665 9.36 13.03 -26.66
C ALA A 665 10.38 13.60 -27.63
N ASN A 666 9.97 13.89 -28.87
CA ASN A 666 10.92 14.37 -29.87
C ASN A 666 11.51 15.74 -29.57
N ARG A 667 10.77 16.52 -28.80
CA ARG A 667 11.26 17.81 -28.34
C ARG A 667 12.41 17.64 -27.35
N ILE A 668 12.29 16.64 -26.48
CA ILE A 668 13.34 16.40 -25.51
C ILE A 668 14.60 15.82 -26.17
N VAL A 669 14.46 15.09 -27.28
CA VAL A 669 15.63 14.61 -28.00
C VAL A 669 16.39 15.79 -28.59
N MET A 670 15.69 16.53 -29.44
CA MET A 670 16.15 17.77 -30.06
C MET A 670 16.75 18.74 -29.04
N GLU A 671 16.26 18.72 -27.81
CA GLU A 671 16.78 19.59 -26.76
C GLU A 671 18.12 19.11 -26.20
N ASP A 672 18.42 17.81 -26.33
CA ASP A 672 19.73 17.27 -25.93
C ASP A 672 20.05 17.45 -24.44
N ARG A 673 19.09 17.18 -23.57
CA ARG A 673 19.33 17.27 -22.13
C ARG A 673 20.32 16.21 -21.63
N LYS A 674 21.07 16.57 -20.59
CA LYS A 674 22.07 15.69 -19.96
C LYS A 674 21.38 14.50 -19.34
N VAL A 675 21.95 13.33 -19.56
CA VAL A 675 21.56 12.13 -18.85
C VAL A 675 22.72 11.78 -17.90
N THR A 676 22.43 11.75 -16.61
CA THR A 676 23.48 11.50 -15.61
C THR A 676 23.05 10.38 -14.67
N TRP A 677 24.03 9.80 -13.98
CA TRP A 677 23.75 8.73 -13.04
C TRP A 677 24.63 8.90 -11.81
N GLU A 678 24.14 8.40 -10.68
CA GLU A 678 24.93 8.36 -9.47
C GLU A 678 24.38 7.25 -8.61
N TRP A 679 25.16 6.83 -7.63
CA TRP A 679 24.66 5.91 -6.63
C TRP A 679 24.23 6.75 -5.45
N LEU A 680 23.14 6.36 -4.79
CA LEU A 680 22.79 6.99 -3.53
C LEU A 680 22.35 5.93 -2.53
N PRO A 681 22.65 6.15 -1.23
CA PRO A 681 21.96 5.33 -0.22
C PRO A 681 20.44 5.51 -0.34
N ARG A 682 19.75 4.37 -0.40
CA ARG A 682 18.32 4.28 -0.62
C ARG A 682 17.43 5.39 -0.02
N THR A 683 17.55 5.70 1.25
CA THR A 683 16.59 6.65 1.84
C THR A 683 16.86 8.08 1.38
N THR A 684 18.13 8.41 1.16
CA THR A 684 18.54 9.69 0.57
C THR A 684 17.91 9.87 -0.80
N ALA A 685 18.13 8.90 -1.69
CA ALA A 685 17.54 8.91 -3.03
C ALA A 685 16.03 9.14 -2.93
N GLU A 686 15.33 8.24 -2.26
CA GLU A 686 13.89 8.38 -2.05
C GLU A 686 13.48 9.76 -1.53
N GLN A 687 14.19 10.29 -0.54
CA GLN A 687 13.79 11.57 0.06
C GLN A 687 14.00 12.78 -0.89
N LYS A 688 15.05 12.74 -1.71
CA LYS A 688 15.27 13.76 -2.72
C LYS A 688 14.29 13.65 -3.89
N TYR A 689 14.11 12.42 -4.40
CA TYR A 689 13.38 12.16 -5.65
C TYR A 689 11.98 11.56 -5.55
N GLY A 690 11.53 11.21 -4.35
CA GLY A 690 10.21 10.58 -4.21
C GLY A 690 10.23 9.17 -4.74
N PHE A 691 9.12 8.48 -4.60
CA PHE A 691 9.05 7.06 -4.97
C PHE A 691 8.91 6.72 -6.45
N ARG A 692 8.89 7.72 -7.31
CA ARG A 692 8.97 7.49 -8.74
C ARG A 692 10.14 6.63 -9.18
N LEU A 693 11.16 6.50 -8.35
CA LEU A 693 12.32 5.71 -8.71
C LEU A 693 11.96 4.27 -9.02
N TYR A 694 10.94 3.76 -8.36
CA TYR A 694 10.74 2.32 -8.36
C TYR A 694 9.82 1.86 -9.47
N GLN A 695 10.23 2.17 -10.70
CA GLN A 695 9.44 1.87 -11.90
C GLN A 695 9.40 0.39 -12.24
N GLY A 696 10.54 -0.25 -12.38
CA GLY A 696 10.54 -1.66 -12.71
C GLY A 696 10.26 -2.52 -11.48
N GLY A 697 9.58 -1.94 -10.49
CA GLY A 697 9.51 -2.57 -9.18
C GLY A 697 10.80 -2.24 -8.45
N VAL A 698 11.19 -3.10 -7.49
CA VAL A 698 12.15 -2.72 -6.45
C VAL A 698 13.43 -3.52 -6.42
N VAL A 699 14.51 -2.78 -6.21
CA VAL A 699 15.90 -3.20 -6.37
C VAL A 699 16.60 -3.35 -4.99
N PRO A 700 17.24 -4.52 -4.71
CA PRO A 700 18.02 -4.63 -3.46
C PRO A 700 19.29 -3.74 -3.45
N GLY A 701 20.04 -3.73 -2.34
CA GLY A 701 21.25 -2.90 -2.23
C GLY A 701 21.15 -1.79 -1.20
N ARG A 702 22.24 -1.53 -0.48
CA ARG A 702 22.27 -0.42 0.49
C ARG A 702 22.19 0.88 -0.28
N GLU A 703 22.76 0.88 -1.48
CA GLU A 703 22.77 2.03 -2.37
C GLU A 703 22.09 1.69 -3.68
N ILE A 704 21.36 2.63 -4.25
CA ILE A 704 20.76 2.41 -5.56
C ILE A 704 21.33 3.33 -6.64
N ARG A 705 21.17 2.90 -7.89
CA ARG A 705 21.67 3.63 -9.09
C ARG A 705 20.59 4.47 -9.78
N VAL A 706 20.66 5.78 -9.58
CA VAL A 706 19.66 6.71 -10.10
C VAL A 706 20.03 7.32 -11.46
N VAL A 707 19.25 6.98 -12.48
CA VAL A 707 19.35 7.62 -13.82
C VAL A 707 18.48 8.85 -13.91
N LYS A 708 19.06 9.96 -14.31
CA LYS A 708 18.32 11.23 -14.32
C LYS A 708 18.39 11.86 -15.69
N ILE A 709 17.24 12.26 -16.23
CA ILE A 709 17.23 13.12 -17.43
C ILE A 709 16.83 14.48 -16.92
N GLU A 710 17.74 15.42 -17.12
CA GLU A 710 17.67 16.71 -16.44
C GLU A 710 16.28 17.36 -16.57
N ASP A 711 15.69 17.70 -15.43
CA ASP A 711 14.34 18.26 -15.35
C ASP A 711 13.30 17.50 -16.17
N TRP A 712 13.45 16.18 -16.28
CA TRP A 712 12.53 15.42 -17.12
C TRP A 712 12.04 14.15 -16.47
N ASP A 713 12.97 13.33 -16.00
CA ASP A 713 12.60 12.03 -15.49
C ASP A 713 13.72 11.43 -14.65
N VAL A 714 13.35 10.65 -13.65
CA VAL A 714 14.35 10.06 -12.73
C VAL A 714 13.91 8.67 -12.24
N GLN A 715 14.81 7.71 -12.32
CA GLN A 715 14.44 6.32 -12.19
C GLN A 715 15.57 5.50 -11.56
N ALA A 716 15.21 4.52 -10.72
CA ALA A 716 16.18 3.54 -10.23
C ALA A 716 16.34 2.52 -11.31
N CYS A 717 17.55 2.39 -11.84
CA CYS A 717 17.72 1.74 -13.13
C CYS A 717 19.08 1.07 -13.21
N GLY A 718 19.16 -0.06 -13.91
CA GLY A 718 20.43 -0.80 -14.03
C GLY A 718 21.13 -0.72 -15.39
N GLY A 719 20.39 -0.34 -16.44
CA GLY A 719 20.90 -0.42 -17.82
C GLY A 719 21.94 0.61 -18.24
N THR A 720 22.32 0.54 -19.51
CA THR A 720 23.30 1.44 -20.09
C THR A 720 22.61 2.59 -20.82
N HIS A 721 22.92 3.82 -20.43
CA HIS A 721 22.27 4.99 -21.04
C HIS A 721 23.23 5.89 -21.79
N LEU A 722 22.71 6.55 -22.80
CA LEU A 722 23.46 7.58 -23.49
C LEU A 722 23.63 8.80 -22.57
N PRO A 723 24.77 9.50 -22.68
CA PRO A 723 25.08 10.70 -21.91
C PRO A 723 24.06 11.81 -22.12
N SER A 724 23.39 11.76 -23.27
CA SER A 724 22.63 12.88 -23.76
C SER A 724 21.39 12.34 -24.46
N THR A 725 20.31 13.13 -24.45
CA THR A 725 19.11 12.73 -25.17
C THR A 725 19.25 12.88 -26.67
N GLY A 726 20.06 13.83 -27.14
CA GLY A 726 20.26 14.00 -28.56
C GLY A 726 20.66 12.73 -29.29
N LEU A 727 21.41 11.87 -28.60
CA LEU A 727 21.94 10.65 -29.20
C LEU A 727 20.91 9.54 -29.45
N VAL A 728 19.72 9.69 -28.89
CA VAL A 728 18.60 8.76 -29.10
C VAL A 728 18.10 8.74 -30.56
N GLY A 729 18.10 9.92 -31.20
CA GLY A 729 17.57 10.08 -32.56
C GLY A 729 16.06 10.25 -32.57
N PRO A 730 15.46 10.43 -33.75
CA PRO A 730 14.01 10.44 -33.88
C PRO A 730 13.35 9.28 -33.13
N ILE A 731 12.24 9.56 -32.45
CA ILE A 731 11.44 8.54 -31.80
C ILE A 731 10.06 8.43 -32.47
N LYS A 732 9.79 7.30 -33.10
CA LYS A 732 8.54 7.08 -33.82
C LYS A 732 7.67 6.16 -32.96
N ILE A 733 6.49 6.60 -32.56
CA ILE A 733 5.54 5.68 -31.90
C ILE A 733 4.79 4.87 -32.94
N LEU A 734 4.94 3.56 -32.87
CA LEU A 734 4.38 2.66 -33.89
C LEU A 734 2.89 2.42 -33.71
N ARG A 735 2.46 2.14 -32.49
CA ARG A 735 1.04 1.89 -32.21
C ARG A 735 0.79 1.74 -30.72
N THR A 736 -0.48 1.57 -30.36
CA THR A 736 -0.88 1.40 -28.97
C THR A 736 -1.89 0.25 -28.87
N GLU A 737 -1.95 -0.42 -27.71
CA GLU A 737 -2.88 -1.56 -27.50
C GLU A 737 -3.22 -1.72 -26.03
N ARG A 738 -4.46 -2.18 -25.76
CA ARG A 738 -4.87 -2.56 -24.40
C ARG A 738 -4.35 -3.96 -24.12
N ILE A 739 -3.82 -4.15 -22.92
CA ILE A 739 -3.27 -5.43 -22.50
C ILE A 739 -4.28 -6.10 -21.58
N GLN A 740 -4.93 -5.31 -20.72
CA GLN A 740 -6.01 -5.72 -19.79
C GLN A 740 -6.53 -4.46 -19.17
N ASP A 741 -7.65 -4.55 -18.42
CA ASP A 741 -8.18 -3.40 -17.67
C ASP A 741 -7.02 -2.83 -16.86
N GLY A 742 -6.73 -1.56 -17.12
CA GLY A 742 -5.77 -0.89 -16.30
C GLY A 742 -4.37 -0.89 -16.88
N VAL A 743 -4.13 -1.65 -17.93
CA VAL A 743 -2.79 -1.63 -18.56
C VAL A 743 -2.83 -1.33 -20.07
N GLU A 744 -2.18 -0.24 -20.48
CA GLU A 744 -2.04 0.09 -21.91
C GLU A 744 -0.59 -0.08 -22.37
N ARG A 745 -0.40 -0.49 -23.63
CA ARG A 745 0.94 -0.72 -24.16
C ARG A 745 1.24 0.23 -25.33
N ILE A 746 2.47 0.76 -25.35
CA ILE A 746 2.95 1.64 -26.43
C ILE A 746 4.18 1.02 -27.09
N ILE A 747 4.17 0.93 -28.42
CA ILE A 747 5.33 0.40 -29.14
C ILE A 747 5.96 1.49 -29.97
N PHE A 748 7.27 1.66 -29.82
CA PHE A 748 8.01 2.69 -30.54
C PHE A 748 9.32 2.18 -31.15
N ALA A 749 10.01 3.07 -31.87
CA ALA A 749 11.27 2.78 -32.53
C ALA A 749 12.16 4.02 -32.45
N CYS A 750 13.44 3.82 -32.17
CA CYS A 750 14.36 4.91 -31.97
C CYS A 750 15.44 4.91 -33.03
N GLY A 751 16.05 6.08 -33.24
CA GLY A 751 17.17 6.24 -34.15
C GLY A 751 16.71 6.68 -35.51
N GLU A 752 17.67 7.10 -36.33
CA GLU A 752 17.46 7.66 -37.67
C GLU A 752 17.56 6.58 -38.75
ZN ZN B . 15.42 1.89 -17.42
ZN ZN C . -10.15 -8.28 30.48
#